data_6V55
#
_entry.id   6V55
#
_cell.length_a   144.960
_cell.length_b   59.448
_cell.length_c   168.385
_cell.angle_alpha   90.000
_cell.angle_beta   107.821
_cell.angle_gamma   90.000
#
_symmetry.space_group_name_H-M   'C 1 2 1'
#
loop_
_entity.id
_entity.type
_entity.pdbx_description
1 polymer 'Adhesion G-protein coupled receptor G6'
2 polymer 'Adhesion G-protein coupled receptor G6'
3 non-polymer 'CALCIUM ION'
4 non-polymer 2-acetamido-2-deoxy-beta-D-glucopyranose
5 water water
#
loop_
_entity_poly.entity_id
_entity_poly.type
_entity_poly.pdbx_seq_one_letter_code
_entity_poly.pdbx_strand_id
1 'polypeptide(L)'
;ASTSCNVVLTDSQGSFTSPCYPNDYPPSQSCNWTIQAPAGFIVQITFLDFELEEAQGCIYDRVVVKTGTSDAKFCGLTAN
GLTLNSTGNVMEVFFNSDFSVQKKGFHISYKQVAVTLRNQKVTMPKSSKTILRVSNSISIPVLTAFTVCFEIARTAQKAT
ETIFTLSDAAGTSILAFEKTSNGMELFIGASYCSVDNFLTSSDITATMKPLCLTWTKSSGLIGVYFEGHYFSSICSASQI
YTLQSGGLLQIAGKGSSSVSVDDQNLDGFIYNFRLWDHAMLSSELSALTCDTVGNVVDWDHSYWTIPGSSTQTDSTLSCS
TAITTLSPGTAGCASGLGCPEDIFYRSTLVVTDEQTPDRDATAIISQWLNQTFQNWMYRVYVDGISLQLITVLSRITTTR
QIYLALLVYKNTTDVNLAEVEIESMLRSAPAIGNGLTLDSVTVNLMENCQADEFPVHYRWPESRPTVTQYVPCFPYKDRN
ASRTCMINRDNYTSFWALPDRGNCTNITSITVSQENAMDVAVQLADISNNGLSKEELTQVVTKVMELVNIAKINATLAST
VVTIISNVMVSSEDAQKDASETALKAVDELVQKIEFDGPSLTISSKNLVVGVSALDTTNFNGSTLSAFIATNTTDPQIDF
DSEAHNALAVVTLPPTLLQNLSLSQIEKVSRINFMFFGRTGLFQDHQNNGLTLNSYVVASSVGNFTIKNLQDPVRIEIAH
LEYQKDPNPQCVFWDFNLQNYSGGWNSDGCKVGSDSNSNRTVCLCNHLTHFGILMDVSRAHHHHHHHH
;
A
2 'polypeptide(L)' THFGILMDVSRA Q
#
loop_
_chem_comp.id
_chem_comp.type
_chem_comp.name
_chem_comp.formula
CA non-polymer 'CALCIUM ION' 'Ca 2'
NAG D-saccharide, beta linking 2-acetamido-2-deoxy-beta-D-glucopyranose 'C8 H15 N O6'
#
# COMPACT_ATOMS: atom_id res chain seq x y z
N THR A 3 -7.69 14.01 3.21
CA THR A 3 -6.29 13.84 3.58
C THR A 3 -6.11 12.61 4.47
N SER A 4 -6.92 11.57 4.26
CA SER A 4 -6.84 10.35 5.05
C SER A 4 -6.56 9.15 4.16
N CYS A 5 -5.55 8.35 4.53
CA CYS A 5 -5.17 7.17 3.76
C CYS A 5 -5.40 5.86 4.53
N ASN A 6 -6.30 5.85 5.52
CA ASN A 6 -6.76 4.61 6.16
C ASN A 6 -8.28 4.62 6.10
N VAL A 7 -8.81 4.26 4.93
CA VAL A 7 -10.25 4.36 4.64
C VAL A 7 -10.78 3.00 4.20
N VAL A 8 -12.10 2.92 4.11
CA VAL A 8 -12.83 1.79 3.54
C VAL A 8 -13.65 2.32 2.37
N LEU A 9 -13.36 1.83 1.17
CA LEU A 9 -13.99 2.34 -0.04
C LEU A 9 -15.05 1.36 -0.50
N THR A 10 -16.30 1.85 -0.64
CA THR A 10 -17.45 1.00 -0.92
C THR A 10 -18.17 1.34 -2.21
N ASP A 11 -17.68 2.29 -3.01
CA ASP A 11 -18.38 2.64 -4.24
C ASP A 11 -18.13 1.58 -5.32
N SER A 12 -18.91 1.65 -6.40
CA SER A 12 -18.86 0.62 -7.45
C SER A 12 -17.57 0.72 -8.26
N GLN A 13 -17.05 1.92 -8.43
CA GLN A 13 -15.72 2.14 -8.98
C GLN A 13 -15.18 3.44 -8.41
N GLY A 14 -13.87 3.61 -8.52
CA GLY A 14 -13.27 4.84 -8.06
C GLY A 14 -11.77 4.84 -8.26
N SER A 15 -11.13 5.75 -7.52
CA SER A 15 -9.72 5.99 -7.64
C SER A 15 -9.18 6.37 -6.27
N PHE A 16 -7.93 5.97 -6.02
CA PHE A 16 -7.19 6.50 -4.89
C PHE A 16 -5.72 6.56 -5.25
N THR A 17 -5.02 7.52 -4.64
CA THR A 17 -3.59 7.68 -4.88
C THR A 17 -2.85 7.60 -3.55
N SER A 18 -1.53 7.39 -3.66
CA SER A 18 -0.62 7.58 -2.54
C SER A 18 -0.63 9.07 -2.14
N PRO A 19 -0.36 9.39 -0.86
CA PRO A 19 -0.44 10.80 -0.41
C PRO A 19 0.53 11.70 -1.15
N CYS A 20 -0.01 12.85 -1.59
CA CYS A 20 0.65 13.93 -2.33
C CYS A 20 0.98 13.56 -3.79
N TYR A 21 0.45 12.43 -4.32
CA TYR A 21 0.60 12.10 -5.75
C TYR A 21 -0.08 13.17 -6.60
N PRO A 22 0.53 13.60 -7.72
CA PRO A 22 1.76 13.12 -8.41
C PRO A 22 3.12 13.65 -7.91
N ASN A 23 3.17 14.43 -6.82
CA ASN A 23 4.46 14.73 -6.18
C ASN A 23 4.85 13.56 -5.30
N ASP A 24 5.97 13.66 -4.60
CA ASP A 24 6.45 12.53 -3.83
C ASP A 24 5.63 12.34 -2.56
N TYR A 25 5.51 11.08 -2.15
CA TYR A 25 4.86 10.75 -0.90
C TYR A 25 5.70 11.23 0.28
N PRO A 26 5.10 11.45 1.45
CA PRO A 26 5.92 11.82 2.60
C PRO A 26 6.61 10.58 3.15
N PRO A 27 7.65 10.74 3.96
CA PRO A 27 8.19 9.56 4.67
C PRO A 27 7.25 9.05 5.74
N SER A 28 7.55 7.83 6.22
CA SER A 28 6.93 7.20 7.39
C SER A 28 5.42 7.06 7.30
N GLN A 29 4.95 6.78 6.11
CA GLN A 29 3.53 6.59 5.87
C GLN A 29 3.09 5.23 6.35
N SER A 30 1.81 5.12 6.68
CA SER A 30 1.22 3.80 6.85
C SER A 30 -0.25 3.89 6.45
N CYS A 31 -0.58 3.26 5.33
CA CYS A 31 -1.88 3.40 4.70
C CYS A 31 -2.55 2.04 4.60
N ASN A 32 -3.90 2.03 4.66
CA ASN A 32 -4.75 0.82 4.62
C ASN A 32 -6.01 1.28 3.88
N TRP A 33 -5.98 1.16 2.57
CA TRP A 33 -7.19 1.24 1.76
C TRP A 33 -7.81 -0.15 1.67
N THR A 34 -8.93 -0.35 2.35
CA THR A 34 -9.69 -1.59 2.23
C THR A 34 -10.86 -1.35 1.27
N ILE A 35 -10.93 -2.15 0.21
CA ILE A 35 -11.99 -2.02 -0.78
C ILE A 35 -12.98 -3.15 -0.57
N GLN A 36 -14.24 -2.81 -0.27
CA GLN A 36 -15.24 -3.82 0.02
C GLN A 36 -16.41 -3.73 -0.95
N ALA A 37 -16.76 -4.86 -1.53
CA ALA A 37 -17.88 -5.07 -2.42
C ALA A 37 -18.93 -5.94 -1.73
N PRO A 38 -20.22 -5.92 -2.20
CA PRO A 38 -21.20 -6.88 -1.65
C PRO A 38 -20.94 -8.33 -2.09
N ALA A 39 -21.77 -9.26 -1.61
CA ALA A 39 -21.43 -10.68 -1.54
C ALA A 39 -21.29 -11.37 -2.90
N GLY A 40 -21.83 -10.80 -3.98
CA GLY A 40 -21.73 -11.46 -5.26
C GLY A 40 -20.72 -10.86 -6.21
N PHE A 41 -19.80 -10.05 -5.67
CA PHE A 41 -18.87 -9.28 -6.48
C PHE A 41 -17.45 -9.54 -5.99
N ILE A 42 -16.48 -9.33 -6.89
CA ILE A 42 -15.07 -9.32 -6.51
C ILE A 42 -14.50 -7.95 -6.86
N VAL A 43 -13.29 -7.67 -6.36
CA VAL A 43 -12.66 -6.38 -6.56
C VAL A 43 -11.46 -6.55 -7.50
N GLN A 44 -11.42 -5.73 -8.55
CA GLN A 44 -10.29 -5.67 -9.45
C GLN A 44 -9.60 -4.33 -9.33
N ILE A 45 -8.30 -4.33 -9.01
CA ILE A 45 -7.54 -3.10 -8.99
C ILE A 45 -6.66 -3.04 -10.22
N THR A 46 -6.25 -1.82 -10.58
CA THR A 46 -5.35 -1.59 -11.68
C THR A 46 -4.45 -0.44 -11.25
N PHE A 47 -3.14 -0.66 -11.31
CA PHE A 47 -2.19 0.41 -11.06
C PHE A 47 -2.10 1.26 -12.32
N LEU A 48 -2.57 2.50 -12.27
CA LEU A 48 -2.41 3.37 -13.42
C LEU A 48 -1.00 3.93 -13.53
N ASP A 49 -0.25 3.92 -12.44
CA ASP A 49 1.07 4.51 -12.31
C ASP A 49 1.64 4.00 -10.99
N PHE A 50 2.96 3.76 -10.95
CA PHE A 50 3.58 3.16 -9.77
C PHE A 50 5.09 3.40 -9.83
N GLU A 51 5.63 4.16 -8.87
CA GLU A 51 7.07 4.22 -8.68
C GLU A 51 7.38 4.33 -7.19
N LEU A 52 8.03 3.31 -6.65
CA LEU A 52 8.46 3.31 -5.26
C LEU A 52 9.98 3.22 -5.19
N GLU A 53 10.52 3.52 -4.02
CA GLU A 53 11.95 3.32 -3.75
C GLU A 53 12.27 1.83 -3.82
N GLU A 54 13.24 1.47 -4.66
CA GLU A 54 13.53 0.05 -4.82
C GLU A 54 14.45 -0.46 -3.71
N ALA A 55 14.25 -1.71 -3.33
CA ALA A 55 15.10 -2.40 -2.37
C ALA A 55 14.96 -3.91 -2.57
N GLN A 56 16.03 -4.63 -2.19
CA GLN A 56 16.02 -6.09 -2.18
C GLN A 56 15.06 -6.59 -1.11
N GLY A 57 14.06 -7.35 -1.51
CA GLY A 57 13.01 -7.76 -0.60
C GLY A 57 12.04 -6.66 -0.23
N CYS A 58 12.06 -5.55 -0.97
CA CYS A 58 11.18 -4.38 -0.80
C CYS A 58 11.19 -3.82 0.63
N ILE A 59 12.37 -3.86 1.28
CA ILE A 59 12.46 -3.59 2.71
C ILE A 59 12.55 -2.12 3.05
N TYR A 60 12.51 -1.23 2.06
CA TYR A 60 12.52 0.21 2.32
C TYR A 60 11.10 0.76 2.22
N ASP A 61 10.58 0.99 1.02
CA ASP A 61 9.17 1.30 0.84
C ASP A 61 8.52 0.14 0.12
N ARG A 62 7.33 -0.27 0.56
CA ARG A 62 6.65 -1.37 -0.11
C ARG A 62 5.15 -1.10 -0.17
N VAL A 63 4.51 -1.65 -1.19
CA VAL A 63 3.06 -1.76 -1.28
C VAL A 63 2.72 -3.24 -1.18
N VAL A 64 1.81 -3.59 -0.25
CA VAL A 64 1.30 -4.96 -0.12
C VAL A 64 -0.13 -5.01 -0.68
N VAL A 65 -0.42 -5.94 -1.58
CA VAL A 65 -1.78 -6.18 -2.08
C VAL A 65 -2.29 -7.48 -1.48
N LYS A 66 -3.40 -7.39 -0.73
CA LYS A 66 -3.91 -8.52 0.06
C LYS A 66 -5.30 -8.89 -0.46
N THR A 67 -5.42 -10.10 -0.97
CA THR A 67 -6.74 -10.69 -1.16
C THR A 67 -6.94 -11.76 -0.10
N GLY A 68 -8.03 -12.52 -0.24
CA GLY A 68 -8.41 -13.47 0.80
C GLY A 68 -7.49 -14.67 0.91
N THR A 69 -6.70 -14.96 -0.13
CA THR A 69 -5.87 -16.14 -0.18
C THR A 69 -4.38 -15.86 -0.42
N SER A 70 -4.00 -14.67 -0.85
CA SER A 70 -2.59 -14.39 -1.03
C SER A 70 -2.26 -12.99 -0.53
N ASP A 71 -0.99 -12.64 -0.65
CA ASP A 71 -0.37 -11.50 -0.02
C ASP A 71 0.91 -11.26 -0.81
N ALA A 72 1.06 -10.10 -1.44
CA ALA A 72 2.29 -9.88 -2.19
C ALA A 72 2.79 -8.45 -2.05
N LYS A 73 4.11 -8.30 -1.88
CA LYS A 73 4.75 -7.00 -1.72
C LYS A 73 5.34 -6.51 -3.04
N PHE A 74 5.36 -5.19 -3.22
CA PHE A 74 5.76 -4.55 -4.47
C PHE A 74 6.54 -3.27 -4.17
N CYS A 75 7.60 -3.02 -4.93
CA CYS A 75 8.28 -1.73 -4.92
C CYS A 75 8.92 -1.53 -6.29
N GLY A 76 9.76 -0.48 -6.37
CA GLY A 76 10.41 -0.16 -7.63
C GLY A 76 9.40 0.28 -8.66
N LEU A 77 9.48 -0.32 -9.85
CA LEU A 77 8.50 -0.10 -10.90
C LEU A 77 7.62 -1.31 -11.14
N THR A 78 7.72 -2.34 -10.28
CA THR A 78 7.30 -3.68 -10.69
C THR A 78 5.80 -3.86 -10.74
N ALA A 79 5.04 -2.99 -10.09
CA ALA A 79 3.60 -3.13 -10.06
C ALA A 79 2.90 -2.25 -11.08
N ASN A 80 3.64 -1.64 -12.01
CA ASN A 80 3.14 -0.48 -12.75
C ASN A 80 2.04 -0.83 -13.74
N GLY A 81 2.26 -1.79 -14.62
CA GLY A 81 1.18 -2.11 -15.54
C GLY A 81 0.20 -3.17 -15.08
N LEU A 82 0.05 -3.37 -13.78
CA LEU A 82 -0.54 -4.59 -13.24
C LEU A 82 -2.03 -4.47 -12.92
N THR A 83 -2.73 -5.60 -13.02
CA THR A 83 -4.16 -5.70 -12.76
C THR A 83 -4.43 -6.94 -11.93
N LEU A 84 -4.87 -6.77 -10.69
CA LEU A 84 -5.00 -7.88 -9.76
C LEU A 84 -6.46 -8.02 -9.33
N ASN A 85 -6.81 -9.24 -8.92
CA ASN A 85 -8.19 -9.65 -8.79
C ASN A 85 -8.38 -10.34 -7.46
N SER A 86 -9.32 -9.84 -6.65
CA SER A 86 -9.61 -10.44 -5.36
C SER A 86 -10.39 -11.74 -5.51
N THR A 87 -10.10 -12.70 -4.63
CA THR A 87 -10.77 -13.98 -4.68
C THR A 87 -12.13 -13.93 -3.97
N GLY A 88 -12.26 -13.14 -2.92
CA GLY A 88 -13.54 -12.80 -2.33
C GLY A 88 -13.95 -11.39 -2.68
N ASN A 89 -14.74 -10.78 -1.81
CA ASN A 89 -15.26 -9.46 -2.10
C ASN A 89 -14.48 -8.34 -1.45
N VAL A 90 -13.41 -8.63 -0.71
CA VAL A 90 -12.59 -7.60 -0.08
C VAL A 90 -11.17 -7.64 -0.66
N MET A 91 -10.68 -6.48 -1.10
CA MET A 91 -9.29 -6.28 -1.49
C MET A 91 -8.69 -5.17 -0.65
N GLU A 92 -7.54 -5.44 -0.02
CA GLU A 92 -6.85 -4.47 0.83
C GLU A 92 -5.50 -4.12 0.23
N VAL A 93 -5.21 -2.82 0.15
CA VAL A 93 -3.96 -2.28 -0.40
C VAL A 93 -3.25 -1.50 0.70
N PHE A 94 -2.06 -1.94 1.08
CA PHE A 94 -1.26 -1.25 2.09
C PHE A 94 -0.11 -0.52 1.44
N PHE A 95 0.39 0.49 2.14
CA PHE A 95 1.57 1.21 1.68
C PHE A 95 2.32 1.71 2.90
N ASN A 96 3.63 1.44 2.94
CA ASN A 96 4.52 1.88 4.02
C ASN A 96 5.79 2.46 3.43
N SER A 97 6.18 3.65 3.87
CA SER A 97 7.43 4.25 3.44
C SER A 97 8.31 4.37 4.68
N ASP A 98 9.62 4.42 4.50
CA ASP A 98 10.44 4.55 5.69
C ASP A 98 10.80 6.03 5.84
N PHE A 99 11.92 6.33 6.51
CA PHE A 99 12.30 7.68 6.93
C PHE A 99 13.00 8.51 5.85
N SER A 100 13.43 7.92 4.74
CA SER A 100 14.22 8.69 3.77
C SER A 100 14.06 8.09 2.38
N VAL A 101 14.40 8.90 1.35
CA VAL A 101 14.30 8.60 -0.09
C VAL A 101 12.85 8.33 -0.51
N GLN A 102 12.22 9.31 -1.16
CA GLN A 102 10.84 9.19 -1.59
C GLN A 102 10.75 9.31 -3.10
N LYS A 103 9.90 8.49 -3.70
CA LYS A 103 9.58 8.59 -5.10
C LYS A 103 8.12 9.00 -5.25
N LYS A 104 7.59 8.83 -6.48
CA LYS A 104 6.36 9.47 -6.89
C LYS A 104 5.14 8.87 -6.21
N GLY A 105 5.13 7.56 -6.04
CA GLY A 105 3.99 6.90 -5.46
C GLY A 105 3.17 6.18 -6.50
N PHE A 106 1.85 6.29 -6.42
CA PHE A 106 1.01 5.45 -7.24
C PHE A 106 -0.40 6.02 -7.36
N HIS A 107 -1.08 5.56 -8.40
CA HIS A 107 -2.47 5.88 -8.69
C HIS A 107 -3.16 4.58 -9.07
N ILE A 108 -4.12 4.17 -8.24
CA ILE A 108 -4.81 2.88 -8.37
C ILE A 108 -6.28 3.13 -8.66
N SER A 109 -6.81 2.44 -9.65
CA SER A 109 -8.24 2.44 -9.94
C SER A 109 -8.84 1.13 -9.45
N TYR A 110 -9.95 1.21 -8.73
CA TYR A 110 -10.67 0.02 -8.28
C TYR A 110 -12.03 -0.07 -8.93
N LYS A 111 -12.54 -1.29 -9.02
CA LYS A 111 -13.70 -1.63 -9.83
C LYS A 111 -14.38 -2.84 -9.20
N GLN A 112 -15.70 -2.75 -8.99
CA GLN A 112 -16.50 -3.89 -8.55
C GLN A 112 -16.92 -4.72 -9.77
N VAL A 113 -16.48 -5.97 -9.79
CA VAL A 113 -16.71 -6.88 -10.91
C VAL A 113 -17.53 -8.05 -10.40
N ALA A 114 -18.64 -8.35 -11.09
CA ALA A 114 -19.43 -9.52 -10.74
C ALA A 114 -18.67 -10.79 -11.11
N VAL A 115 -18.78 -11.80 -10.24
CA VAL A 115 -18.31 -13.14 -10.59
C VAL A 115 -19.10 -13.61 -11.80
N THR A 116 -18.39 -14.18 -12.78
CA THR A 116 -18.99 -14.71 -14.00
C THR A 116 -20.03 -15.79 -13.70
N LEU A 117 -20.96 -15.93 -14.65
CA LEU A 117 -21.97 -16.97 -14.57
C LEU A 117 -21.38 -18.36 -14.70
N ARG A 118 -20.22 -18.51 -15.37
CA ARG A 118 -19.56 -19.79 -15.52
C ARG A 118 -18.79 -20.24 -14.27
N ASN A 119 -18.81 -19.46 -13.19
CA ASN A 119 -18.38 -19.91 -11.88
C ASN A 119 -19.57 -20.16 -10.97
N GLN A 120 -20.77 -20.27 -11.52
CA GLN A 120 -21.99 -20.41 -10.73
C GLN A 120 -22.89 -21.49 -11.29
N LYS A 121 -23.55 -22.22 -10.40
CA LYS A 121 -24.61 -23.15 -10.74
C LYS A 121 -25.91 -22.51 -10.27
N VAL A 122 -27.06 -22.99 -10.77
CA VAL A 122 -28.33 -22.29 -10.58
C VAL A 122 -29.40 -23.25 -10.09
N THR A 123 -30.00 -22.95 -8.94
CA THR A 123 -31.12 -23.74 -8.43
C THR A 123 -32.41 -23.36 -9.16
N MET A 124 -33.11 -24.34 -9.75
CA MET A 124 -34.32 -23.94 -10.45
C MET A 124 -35.52 -23.99 -9.51
N PRO A 125 -36.51 -23.07 -9.64
CA PRO A 125 -37.47 -22.88 -8.54
C PRO A 125 -38.56 -23.95 -8.54
N LYS A 126 -39.26 -24.00 -7.41
CA LYS A 126 -40.37 -24.90 -7.23
C LYS A 126 -41.72 -24.19 -7.41
N SER A 127 -41.78 -22.88 -7.25
CA SER A 127 -43.05 -22.18 -7.43
C SER A 127 -43.04 -21.40 -8.74
N SER A 128 -44.02 -20.52 -8.93
CA SER A 128 -44.04 -19.60 -10.05
C SER A 128 -44.15 -18.17 -9.51
N LYS A 129 -44.24 -17.21 -10.45
CA LYS A 129 -43.77 -15.82 -10.28
C LYS A 129 -42.34 -15.76 -9.71
N THR A 130 -41.49 -16.72 -10.14
CA THR A 130 -40.04 -16.75 -9.89
C THR A 130 -39.40 -17.23 -11.20
N ILE A 131 -39.39 -16.30 -12.16
CA ILE A 131 -39.02 -16.60 -13.53
C ILE A 131 -37.52 -16.36 -13.68
N LEU A 132 -36.81 -17.38 -14.14
CA LEU A 132 -35.36 -17.32 -14.34
C LEU A 132 -35.11 -17.39 -15.84
N ARG A 133 -35.19 -16.22 -16.49
CA ARG A 133 -35.33 -16.13 -17.92
C ARG A 133 -34.10 -15.51 -18.57
N VAL A 134 -34.00 -15.76 -19.88
CA VAL A 134 -33.16 -14.95 -20.75
C VAL A 134 -33.69 -13.51 -20.69
N SER A 135 -32.78 -12.55 -20.60
CA SER A 135 -33.24 -11.18 -20.40
C SER A 135 -33.67 -10.58 -21.74
N ASN A 136 -34.49 -9.54 -21.67
CA ASN A 136 -35.04 -8.91 -22.87
C ASN A 136 -34.03 -8.06 -23.63
N SER A 137 -32.82 -7.84 -23.07
CA SER A 137 -31.63 -7.42 -23.83
C SER A 137 -31.35 -8.33 -25.03
N ILE A 138 -31.65 -9.62 -24.94
CA ILE A 138 -31.45 -10.59 -26.01
C ILE A 138 -32.76 -10.82 -26.75
N SER A 139 -32.71 -10.74 -28.08
CA SER A 139 -33.84 -11.08 -28.96
C SER A 139 -33.60 -12.46 -29.56
N ILE A 140 -34.50 -13.40 -29.26
CA ILE A 140 -34.38 -14.75 -29.78
C ILE A 140 -34.98 -14.79 -31.19
N PRO A 141 -34.20 -15.14 -32.21
CA PRO A 141 -34.69 -15.09 -33.59
C PRO A 141 -35.67 -16.21 -33.90
N VAL A 142 -36.12 -16.21 -35.15
CA VAL A 142 -36.83 -17.33 -35.71
C VAL A 142 -35.86 -18.50 -35.85
N LEU A 143 -36.26 -19.68 -35.34
CA LEU A 143 -35.42 -20.87 -35.33
C LEU A 143 -36.05 -21.96 -36.19
N THR A 144 -35.29 -22.43 -37.18
CA THR A 144 -35.56 -23.66 -37.91
C THR A 144 -34.50 -24.72 -37.65
N ALA A 145 -33.57 -24.44 -36.73
CA ALA A 145 -32.48 -25.29 -36.28
C ALA A 145 -31.86 -24.66 -35.04
N PHE A 146 -31.41 -25.51 -34.10
CA PHE A 146 -30.75 -25.04 -32.89
C PHE A 146 -29.81 -26.10 -32.35
N THR A 147 -28.85 -25.65 -31.54
CA THR A 147 -28.13 -26.51 -30.60
C THR A 147 -28.27 -25.91 -29.21
N VAL A 148 -28.74 -26.69 -28.25
CA VAL A 148 -28.76 -26.25 -26.85
C VAL A 148 -27.90 -27.22 -26.05
N CYS A 149 -26.97 -26.67 -25.24
CA CYS A 149 -26.17 -27.47 -24.32
C CYS A 149 -26.25 -26.89 -22.91
N PHE A 150 -26.25 -27.78 -21.94
CA PHE A 150 -26.19 -27.37 -20.55
C PHE A 150 -25.55 -28.52 -19.79
N GLU A 151 -25.27 -28.26 -18.51
CA GLU A 151 -24.88 -29.29 -17.56
C GLU A 151 -25.97 -29.36 -16.51
N ILE A 152 -26.50 -30.56 -16.27
CA ILE A 152 -27.67 -30.72 -15.43
C ILE A 152 -27.32 -31.67 -14.27
N ALA A 153 -27.93 -31.42 -13.10
CA ALA A 153 -27.78 -32.26 -11.91
C ALA A 153 -28.95 -32.03 -10.96
N ARG A 154 -29.37 -33.10 -10.28
CA ARG A 154 -30.63 -33.02 -9.55
C ARG A 154 -30.51 -33.53 -8.11
N THR A 155 -31.50 -33.11 -7.31
CA THR A 155 -31.72 -33.63 -5.97
C THR A 155 -32.75 -34.77 -5.97
N ALA A 156 -34.01 -34.46 -6.27
CA ALA A 156 -35.12 -35.40 -6.14
C ALA A 156 -35.57 -35.89 -7.51
N GLN A 157 -36.55 -36.80 -7.49
CA GLN A 157 -37.13 -37.38 -8.70
C GLN A 157 -38.63 -37.12 -8.73
N LYS A 158 -39.17 -37.11 -9.94
CA LYS A 158 -40.59 -36.91 -10.21
C LYS A 158 -40.84 -37.45 -11.63
N ALA A 159 -42.09 -37.84 -11.91
CA ALA A 159 -42.43 -38.29 -13.26
C ALA A 159 -42.46 -37.13 -14.26
N THR A 160 -43.12 -36.02 -13.90
CA THR A 160 -43.19 -34.85 -14.78
C THR A 160 -42.34 -33.73 -14.19
N GLU A 161 -41.30 -33.33 -14.94
CA GLU A 161 -40.38 -32.27 -14.54
C GLU A 161 -39.84 -31.62 -15.81
N THR A 162 -39.60 -30.30 -15.75
CA THR A 162 -39.18 -29.52 -16.91
C THR A 162 -37.77 -28.96 -16.73
N ILE A 163 -37.02 -28.87 -17.84
CA ILE A 163 -35.62 -28.44 -17.80
C ILE A 163 -35.41 -27.07 -18.46
N PHE A 164 -36.00 -26.82 -19.65
CA PHE A 164 -36.16 -25.43 -20.08
C PHE A 164 -37.47 -25.27 -20.83
N THR A 165 -37.91 -24.01 -20.96
CA THR A 165 -39.18 -23.69 -21.63
C THR A 165 -39.06 -22.40 -22.43
N LEU A 166 -39.32 -22.50 -23.73
CA LEU A 166 -39.46 -21.36 -24.63
C LEU A 166 -40.94 -21.18 -24.94
N SER A 167 -41.54 -20.11 -24.41
CA SER A 167 -42.91 -19.74 -24.70
C SER A 167 -42.90 -18.53 -25.64
N ASP A 168 -43.89 -18.45 -26.52
CA ASP A 168 -43.87 -17.42 -27.54
C ASP A 168 -44.37 -16.09 -26.97
N ALA A 169 -44.54 -15.10 -27.85
CA ALA A 169 -44.98 -13.76 -27.45
C ALA A 169 -46.44 -13.74 -26.97
N ALA A 170 -47.24 -14.76 -27.27
CA ALA A 170 -48.57 -14.87 -26.71
C ALA A 170 -48.62 -15.72 -25.43
N GLY A 171 -47.57 -16.47 -25.12
CA GLY A 171 -47.47 -17.20 -23.86
C GLY A 171 -47.47 -18.73 -23.95
N THR A 172 -47.99 -19.32 -25.03
CA THR A 172 -48.01 -20.79 -25.11
C THR A 172 -46.61 -21.32 -25.44
N SER A 173 -46.30 -22.51 -24.93
CA SER A 173 -44.97 -23.06 -25.08
C SER A 173 -44.74 -23.58 -26.51
N ILE A 174 -43.55 -23.30 -27.05
CA ILE A 174 -43.20 -23.75 -28.39
C ILE A 174 -41.94 -24.61 -28.43
N LEU A 175 -41.09 -24.55 -27.41
CA LEU A 175 -39.96 -25.45 -27.28
C LEU A 175 -39.82 -25.75 -25.80
N ALA A 176 -39.66 -27.02 -25.45
CA ALA A 176 -39.47 -27.42 -24.07
C ALA A 176 -38.75 -28.76 -24.00
N PHE A 177 -37.81 -28.90 -23.06
CA PHE A 177 -37.18 -30.18 -22.78
C PHE A 177 -37.66 -30.62 -21.41
N GLU A 178 -38.45 -31.68 -21.37
CA GLU A 178 -39.05 -32.10 -20.12
C GLU A 178 -39.16 -33.61 -20.13
N LYS A 179 -38.97 -34.21 -18.96
CA LYS A 179 -39.14 -35.65 -18.78
C LYS A 179 -40.59 -35.92 -18.38
N THR A 180 -41.24 -36.83 -19.09
CA THR A 180 -42.70 -36.88 -19.21
C THR A 180 -43.32 -38.16 -18.66
N SER A 181 -44.55 -38.47 -19.13
CA SER A 181 -45.12 -39.82 -18.96
C SER A 181 -44.23 -40.86 -19.61
N ASN A 182 -43.71 -40.56 -20.80
CA ASN A 182 -42.81 -41.44 -21.54
C ASN A 182 -41.34 -41.07 -21.37
N GLY A 183 -40.98 -40.38 -20.28
CA GLY A 183 -39.59 -40.04 -20.05
C GLY A 183 -39.08 -38.87 -20.87
N MET A 184 -37.82 -38.95 -21.31
CA MET A 184 -37.09 -37.80 -21.85
C MET A 184 -37.60 -37.43 -23.24
N GLU A 185 -38.17 -36.22 -23.37
CA GLU A 185 -38.85 -35.79 -24.59
C GLU A 185 -38.54 -34.32 -24.88
N LEU A 186 -38.28 -34.02 -26.14
CA LEU A 186 -38.21 -32.66 -26.65
C LEU A 186 -39.58 -32.29 -27.19
N PHE A 187 -40.20 -31.29 -26.60
CA PHE A 187 -41.47 -30.79 -27.09
C PHE A 187 -41.18 -29.67 -28.07
N ILE A 188 -41.47 -29.87 -29.37
CA ILE A 188 -41.19 -28.83 -30.38
C ILE A 188 -42.50 -28.41 -31.05
N GLY A 189 -42.80 -27.11 -30.99
CA GLY A 189 -44.02 -26.56 -31.55
C GLY A 189 -45.26 -27.07 -30.84
N ALA A 190 -45.82 -28.15 -31.39
CA ALA A 190 -46.91 -28.87 -30.76
C ALA A 190 -46.66 -30.36 -30.73
N SER A 191 -45.49 -30.82 -31.17
CA SER A 191 -45.19 -32.24 -31.29
C SER A 191 -44.27 -32.68 -30.17
N TYR A 192 -44.11 -33.99 -30.05
CA TYR A 192 -43.27 -34.60 -29.02
C TYR A 192 -42.23 -35.48 -29.68
N CYS A 193 -40.96 -35.15 -29.46
CA CYS A 193 -39.83 -35.91 -30.00
C CYS A 193 -39.13 -36.54 -28.81
N SER A 194 -39.35 -37.85 -28.62
CA SER A 194 -38.77 -38.55 -27.47
C SER A 194 -37.29 -38.81 -27.71
N VAL A 195 -36.48 -38.49 -26.71
CA VAL A 195 -35.05 -38.78 -26.79
C VAL A 195 -34.71 -39.89 -25.80
N ASP A 196 -35.71 -40.73 -25.46
CA ASP A 196 -35.60 -41.62 -24.30
C ASP A 196 -34.61 -42.76 -24.52
N ASN A 197 -34.40 -43.17 -25.77
CA ASN A 197 -33.41 -44.21 -26.11
C ASN A 197 -31.97 -43.75 -25.95
N PHE A 198 -31.71 -42.45 -25.75
CA PHE A 198 -30.35 -41.96 -25.62
C PHE A 198 -30.06 -41.33 -24.26
N LEU A 199 -31.09 -41.09 -23.45
CA LEU A 199 -30.99 -40.58 -22.08
C LEU A 199 -32.36 -40.76 -21.42
N THR A 200 -32.38 -40.93 -20.09
CA THR A 200 -33.64 -40.82 -19.35
C THR A 200 -33.35 -40.37 -17.93
N SER A 201 -34.44 -40.25 -17.13
CA SER A 201 -34.47 -39.67 -15.78
C SER A 201 -33.79 -40.53 -14.72
N SER A 202 -33.26 -41.72 -15.07
CA SER A 202 -32.35 -42.42 -14.18
C SER A 202 -30.99 -41.75 -14.13
N ASP A 203 -30.68 -40.90 -15.12
CA ASP A 203 -29.52 -40.03 -15.09
C ASP A 203 -29.88 -38.60 -14.65
N ILE A 204 -30.65 -38.41 -13.57
CA ILE A 204 -30.70 -37.10 -12.92
C ILE A 204 -29.92 -37.21 -11.61
N THR A 205 -28.68 -37.69 -11.74
CA THR A 205 -27.66 -37.71 -10.68
C THR A 205 -27.35 -36.31 -10.15
N ALA A 206 -26.80 -36.26 -8.93
CA ALA A 206 -26.37 -34.98 -8.37
C ALA A 206 -24.95 -34.61 -8.78
N THR A 207 -24.28 -35.46 -9.56
CA THR A 207 -23.08 -35.07 -10.29
C THR A 207 -23.50 -34.41 -11.60
N MET A 208 -22.88 -33.28 -11.92
CA MET A 208 -23.18 -32.61 -13.16
C MET A 208 -22.60 -33.36 -14.34
N LYS A 209 -23.34 -33.34 -15.45
CA LYS A 209 -22.85 -33.94 -16.67
C LYS A 209 -23.37 -33.09 -17.83
N PRO A 210 -22.54 -32.85 -18.84
CA PRO A 210 -23.01 -32.09 -20.01
C PRO A 210 -23.92 -32.90 -20.92
N LEU A 211 -24.82 -32.17 -21.59
CA LEU A 211 -25.86 -32.73 -22.44
C LEU A 211 -26.19 -31.72 -23.54
N CYS A 212 -26.11 -32.15 -24.80
CA CYS A 212 -26.41 -31.31 -25.95
C CYS A 212 -27.60 -31.88 -26.70
N LEU A 213 -28.50 -30.99 -27.13
CA LEU A 213 -29.64 -31.36 -27.96
C LEU A 213 -29.57 -30.54 -29.23
N THR A 214 -29.67 -31.19 -30.40
CA THR A 214 -29.75 -30.48 -31.68
C THR A 214 -31.06 -30.84 -32.39
N TRP A 215 -31.44 -29.99 -33.33
CA TRP A 215 -32.64 -30.17 -34.14
C TRP A 215 -32.45 -29.38 -35.42
N THR A 216 -32.90 -29.93 -36.56
CA THR A 216 -33.18 -29.13 -37.76
C THR A 216 -34.61 -29.39 -38.22
N LYS A 217 -35.24 -28.36 -38.80
CA LYS A 217 -36.58 -28.55 -39.35
C LYS A 217 -36.56 -29.42 -40.61
N SER A 218 -35.52 -29.26 -41.43
CA SER A 218 -35.48 -29.78 -42.80
C SER A 218 -35.43 -31.29 -42.83
N SER A 219 -34.73 -31.92 -41.90
CA SER A 219 -34.75 -33.36 -41.78
C SER A 219 -35.64 -33.88 -40.65
N GLY A 220 -35.97 -33.04 -39.67
CA GLY A 220 -36.54 -33.54 -38.44
C GLY A 220 -35.55 -34.25 -37.55
N LEU A 221 -34.25 -34.10 -37.81
CA LEU A 221 -33.22 -34.85 -37.12
C LEU A 221 -32.96 -34.26 -35.74
N ILE A 222 -33.38 -34.96 -34.70
CA ILE A 222 -32.90 -34.70 -33.35
C ILE A 222 -31.52 -35.32 -33.19
N GLY A 223 -30.59 -34.57 -32.61
CA GLY A 223 -29.29 -35.10 -32.23
C GLY A 223 -29.17 -34.99 -30.70
N VAL A 224 -28.50 -35.98 -30.11
CA VAL A 224 -28.24 -36.00 -28.67
C VAL A 224 -26.75 -36.27 -28.48
N TYR A 225 -26.08 -35.42 -27.70
CA TYR A 225 -24.72 -35.66 -27.25
C TYR A 225 -24.74 -35.86 -25.73
N PHE A 226 -24.33 -37.05 -25.29
CA PHE A 226 -24.33 -37.44 -23.88
C PHE A 226 -23.30 -38.56 -23.72
N GLU A 227 -22.42 -38.40 -22.73
CA GLU A 227 -21.39 -39.38 -22.33
C GLU A 227 -20.45 -39.74 -23.48
N GLY A 228 -20.03 -38.73 -24.26
CA GLY A 228 -19.03 -38.90 -25.31
C GLY A 228 -19.55 -39.40 -26.63
N HIS A 229 -20.77 -39.94 -26.68
CA HIS A 229 -21.31 -40.59 -27.85
C HIS A 229 -22.37 -39.70 -28.50
N TYR A 230 -22.42 -39.73 -29.82
CA TYR A 230 -23.40 -38.96 -30.58
C TYR A 230 -24.50 -39.87 -31.07
N PHE A 231 -25.73 -39.41 -30.95
CA PHE A 231 -26.90 -40.17 -31.33
C PHE A 231 -27.77 -39.33 -32.25
N SER A 232 -28.58 -40.02 -33.06
CA SER A 232 -29.44 -39.35 -34.02
C SER A 232 -30.78 -40.06 -34.06
N SER A 233 -31.82 -39.30 -34.32
CA SER A 233 -33.18 -39.84 -34.43
C SER A 233 -33.96 -38.86 -35.30
N ILE A 234 -34.91 -39.38 -36.06
CA ILE A 234 -35.74 -38.57 -36.94
C ILE A 234 -37.09 -38.36 -36.27
N CYS A 235 -37.46 -37.11 -36.06
CA CYS A 235 -38.78 -36.77 -35.55
C CYS A 235 -39.53 -36.12 -36.71
N SER A 236 -40.29 -36.94 -37.45
CA SER A 236 -40.89 -36.48 -38.70
C SER A 236 -42.05 -35.53 -38.46
N ALA A 237 -42.70 -35.59 -37.29
CA ALA A 237 -43.75 -34.63 -36.94
C ALA A 237 -43.22 -33.21 -36.79
N SER A 238 -41.94 -33.05 -36.45
CA SER A 238 -41.36 -31.75 -36.17
C SER A 238 -40.96 -30.97 -37.41
N GLN A 239 -41.16 -31.50 -38.62
CA GLN A 239 -40.78 -30.75 -39.82
C GLN A 239 -41.86 -29.78 -40.27
N ILE A 240 -42.99 -29.74 -39.55
CA ILE A 240 -44.09 -28.82 -39.79
C ILE A 240 -43.90 -27.49 -39.06
N TYR A 241 -43.09 -27.46 -38.00
CA TYR A 241 -43.09 -26.33 -37.07
C TYR A 241 -41.87 -25.44 -37.27
N THR A 242 -42.07 -24.17 -36.93
CA THR A 242 -41.02 -23.17 -36.92
C THR A 242 -41.11 -22.45 -35.59
N LEU A 243 -39.98 -22.24 -34.93
CA LEU A 243 -39.99 -21.53 -33.67
C LEU A 243 -39.97 -20.03 -33.96
N GLN A 244 -41.01 -19.31 -33.54
CA GLN A 244 -41.13 -17.92 -33.92
C GLN A 244 -40.22 -17.02 -33.07
N SER A 245 -40.11 -15.77 -33.50
CA SER A 245 -39.29 -14.75 -32.86
C SER A 245 -39.87 -14.33 -31.52
N GLY A 246 -39.03 -13.61 -30.77
CA GLY A 246 -39.45 -12.77 -29.66
C GLY A 246 -40.06 -13.48 -28.47
N GLY A 247 -39.57 -14.68 -28.15
CA GLY A 247 -40.14 -15.47 -27.09
C GLY A 247 -39.40 -15.34 -25.77
N LEU A 248 -39.90 -16.09 -24.78
CA LEU A 248 -39.37 -16.10 -23.43
C LEU A 248 -38.75 -17.46 -23.16
N LEU A 249 -37.42 -17.51 -23.13
CA LEU A 249 -36.72 -18.73 -22.78
C LEU A 249 -36.37 -18.66 -21.30
N GLN A 250 -36.66 -19.73 -20.56
CA GLN A 250 -36.42 -19.74 -19.12
C GLN A 250 -35.93 -21.11 -18.65
N ILE A 251 -35.21 -21.07 -17.51
CA ILE A 251 -34.78 -22.27 -16.82
C ILE A 251 -36.01 -22.93 -16.21
N ALA A 252 -36.07 -24.27 -16.31
CA ALA A 252 -37.19 -25.14 -15.94
C ALA A 252 -38.45 -24.68 -16.63
N GLY A 253 -39.31 -23.96 -15.92
CA GLY A 253 -40.48 -23.37 -16.53
C GLY A 253 -41.62 -24.34 -16.76
N LYS A 254 -42.57 -23.88 -17.58
CA LYS A 254 -43.88 -24.54 -17.68
C LYS A 254 -43.83 -25.86 -18.46
N GLY A 255 -43.04 -25.93 -19.53
CA GLY A 255 -43.03 -27.11 -20.36
C GLY A 255 -44.31 -27.22 -21.15
N SER A 256 -44.73 -28.47 -21.38
CA SER A 256 -45.96 -28.75 -22.13
C SER A 256 -47.16 -28.82 -21.18
N SER A 257 -47.50 -27.64 -20.67
CA SER A 257 -48.65 -27.45 -19.78
C SER A 257 -49.38 -26.19 -20.23
N SER A 258 -50.67 -26.12 -19.91
CA SER A 258 -51.48 -25.02 -20.39
C SER A 258 -51.50 -23.81 -19.46
N VAL A 259 -51.33 -24.00 -18.16
CA VAL A 259 -51.56 -22.93 -17.20
C VAL A 259 -50.35 -22.70 -16.31
N SER A 260 -50.04 -23.66 -15.45
CA SER A 260 -49.13 -23.43 -14.33
C SER A 260 -47.80 -24.14 -14.50
N VAL A 261 -46.82 -23.56 -13.80
CA VAL A 261 -45.50 -24.15 -13.59
C VAL A 261 -45.30 -24.51 -12.11
N ASP A 262 -46.22 -24.08 -11.23
CA ASP A 262 -46.27 -24.30 -9.78
C ASP A 262 -46.14 -25.75 -9.32
N ASP A 263 -44.94 -26.11 -8.80
CA ASP A 263 -44.48 -27.48 -8.52
C ASP A 263 -44.53 -28.38 -9.75
N GLN A 264 -44.19 -27.82 -10.91
CA GLN A 264 -44.01 -28.59 -12.16
C GLN A 264 -42.65 -28.24 -12.75
N ASN A 265 -41.60 -28.52 -11.98
CA ASN A 265 -40.23 -28.22 -12.35
C ASN A 265 -39.33 -29.28 -11.75
N LEU A 266 -38.16 -29.48 -12.37
CA LEU A 266 -37.15 -30.34 -11.78
C LEU A 266 -36.56 -29.67 -10.55
N ASP A 267 -36.06 -30.50 -9.64
CA ASP A 267 -35.35 -30.05 -8.45
C ASP A 267 -33.85 -30.21 -8.70
N GLY A 268 -33.10 -29.12 -8.68
CA GLY A 268 -31.65 -29.28 -8.72
C GLY A 268 -30.94 -28.06 -9.31
N PHE A 269 -29.75 -28.35 -9.88
CA PHE A 269 -28.79 -27.40 -10.39
C PHE A 269 -28.67 -27.47 -11.91
N ILE A 270 -28.41 -26.31 -12.54
CA ILE A 270 -28.02 -26.25 -13.95
C ILE A 270 -26.82 -25.30 -14.11
N TYR A 271 -26.07 -25.53 -15.19
CA TYR A 271 -24.80 -24.83 -15.40
C TYR A 271 -24.53 -24.79 -16.89
N ASN A 272 -24.01 -23.64 -17.36
CA ASN A 272 -23.47 -23.43 -18.71
C ASN A 272 -24.53 -23.59 -19.82
N PHE A 273 -25.72 -23.01 -19.60
CA PHE A 273 -26.81 -23.09 -20.57
C PHE A 273 -26.53 -22.16 -21.74
N ARG A 274 -26.42 -22.75 -22.94
CA ARG A 274 -26.09 -22.00 -24.15
C ARG A 274 -26.99 -22.46 -25.29
N LEU A 275 -27.21 -21.56 -26.27
CA LEU A 275 -28.10 -21.79 -27.40
C LEU A 275 -27.49 -21.22 -28.67
N TRP A 276 -27.66 -21.93 -29.79
CA TRP A 276 -27.09 -21.55 -31.07
C TRP A 276 -28.14 -21.60 -32.16
N ASP A 277 -27.80 -20.93 -33.28
CA ASP A 277 -28.63 -20.75 -34.47
C ASP A 277 -28.69 -21.97 -35.38
N HIS A 278 -27.74 -22.88 -35.27
CA HIS A 278 -27.62 -24.00 -36.18
C HIS A 278 -27.52 -25.27 -35.37
N ALA A 279 -27.80 -26.39 -36.03
CA ALA A 279 -27.58 -27.69 -35.41
C ALA A 279 -26.19 -28.19 -35.79
N MET A 280 -25.45 -28.63 -34.78
CA MET A 280 -24.05 -28.97 -34.94
C MET A 280 -23.87 -30.42 -35.33
N LEU A 281 -22.88 -30.67 -36.19
CA LEU A 281 -22.43 -32.02 -36.50
C LEU A 281 -21.69 -32.61 -35.28
N SER A 282 -21.45 -33.93 -35.36
CA SER A 282 -20.73 -34.60 -34.28
C SER A 282 -19.26 -34.22 -34.25
N SER A 283 -18.68 -33.95 -35.43
CA SER A 283 -17.36 -33.35 -35.53
C SER A 283 -17.31 -31.97 -34.89
N GLU A 284 -18.35 -31.15 -35.11
CA GLU A 284 -18.47 -29.84 -34.47
C GLU A 284 -18.78 -29.96 -32.99
N LEU A 285 -19.47 -31.02 -32.57
CA LEU A 285 -19.76 -31.20 -31.16
C LEU A 285 -18.58 -31.72 -30.35
N SER A 286 -17.51 -32.19 -31.03
CA SER A 286 -16.32 -32.69 -30.35
C SER A 286 -15.23 -31.64 -30.16
N ALA A 287 -15.26 -30.56 -30.96
CA ALA A 287 -14.44 -29.36 -30.74
C ALA A 287 -15.16 -28.31 -29.89
N LEU A 288 -16.08 -28.75 -29.03
CA LEU A 288 -16.93 -27.85 -28.23
C LEU A 288 -16.44 -27.92 -26.79
N THR A 289 -15.66 -26.91 -26.41
CA THR A 289 -15.28 -26.65 -25.04
C THR A 289 -16.45 -26.02 -24.28
N CYS A 290 -16.38 -26.05 -22.95
CA CYS A 290 -17.40 -25.42 -22.12
C CYS A 290 -17.27 -23.90 -22.06
N ASP A 291 -16.22 -23.32 -22.62
CA ASP A 291 -15.97 -21.88 -22.62
C ASP A 291 -16.45 -21.19 -23.89
N THR A 292 -16.96 -21.93 -24.87
CA THR A 292 -17.39 -21.35 -26.14
C THR A 292 -18.71 -20.61 -26.00
N VAL A 293 -18.78 -19.43 -26.62
CA VAL A 293 -19.91 -18.53 -26.42
C VAL A 293 -21.12 -19.02 -27.21
N GLY A 294 -22.29 -18.98 -26.57
CA GLY A 294 -23.52 -19.33 -27.26
C GLY A 294 -23.96 -18.22 -28.19
N ASN A 295 -24.43 -18.62 -29.38
CA ASN A 295 -24.68 -17.70 -30.49
C ASN A 295 -25.90 -16.83 -30.29
N VAL A 296 -26.88 -17.31 -29.55
CA VAL A 296 -28.07 -16.56 -29.21
C VAL A 296 -28.10 -16.27 -27.73
N VAL A 297 -27.99 -17.31 -26.91
CA VAL A 297 -27.95 -17.21 -25.46
C VAL A 297 -26.64 -17.84 -25.00
N ASP A 298 -25.92 -17.13 -24.13
CA ASP A 298 -24.69 -17.63 -23.52
C ASP A 298 -24.81 -17.55 -22.00
N TRP A 299 -24.04 -18.39 -21.31
CA TRP A 299 -23.99 -18.40 -19.86
C TRP A 299 -23.11 -17.27 -19.36
N ASP A 300 -23.74 -16.14 -19.14
CA ASP A 300 -23.10 -14.86 -19.01
C ASP A 300 -24.20 -13.94 -18.53
N HIS A 301 -23.89 -13.10 -17.53
CA HIS A 301 -24.92 -12.40 -16.77
C HIS A 301 -25.69 -11.38 -17.60
N SER A 302 -25.07 -10.83 -18.65
CA SER A 302 -25.74 -9.88 -19.55
C SER A 302 -26.90 -10.52 -20.34
N TYR A 303 -26.94 -11.85 -20.46
CA TYR A 303 -27.97 -12.58 -21.19
C TYR A 303 -29.18 -12.99 -20.34
N TRP A 304 -29.11 -12.86 -19.00
CA TRP A 304 -30.08 -13.47 -18.10
C TRP A 304 -30.57 -12.50 -17.04
N THR A 305 -31.74 -12.81 -16.46
CA THR A 305 -32.16 -12.26 -15.17
C THR A 305 -32.29 -13.43 -14.21
N ILE A 306 -31.22 -13.68 -13.46
CA ILE A 306 -31.19 -14.70 -12.41
C ILE A 306 -30.82 -13.98 -11.12
N PRO A 307 -31.64 -14.04 -10.08
CA PRO A 307 -31.29 -13.39 -8.81
C PRO A 307 -30.14 -14.10 -8.09
N GLY A 308 -29.58 -13.38 -7.10
CA GLY A 308 -28.50 -13.91 -6.28
C GLY A 308 -28.91 -15.06 -5.38
N SER A 309 -30.22 -15.17 -5.07
CA SER A 309 -30.75 -16.26 -4.27
C SER A 309 -30.67 -17.63 -4.96
N SER A 310 -30.44 -17.65 -6.28
CA SER A 310 -30.30 -18.91 -7.03
C SER A 310 -28.95 -18.99 -7.74
N THR A 311 -27.87 -18.47 -7.14
CA THR A 311 -26.52 -18.71 -7.65
C THR A 311 -25.62 -19.25 -6.54
N GLN A 312 -24.95 -20.38 -6.82
CA GLN A 312 -23.98 -21.00 -5.93
C GLN A 312 -22.58 -20.92 -6.54
N THR A 313 -21.62 -21.66 -5.99
CA THR A 313 -20.26 -21.73 -6.51
C THR A 313 -19.77 -23.16 -6.30
N ASP A 314 -18.83 -23.60 -7.13
CA ASP A 314 -18.36 -24.99 -7.15
C ASP A 314 -17.07 -25.07 -7.96
N SER A 315 -16.21 -26.03 -7.58
CA SER A 315 -15.10 -26.57 -8.40
C SER A 315 -14.02 -25.59 -8.90
N GLY A 332 12.28 -13.68 -4.87
CA GLY A 332 12.39 -14.31 -3.55
C GLY A 332 11.05 -14.70 -2.95
N CYS A 333 10.94 -14.43 -1.66
CA CYS A 333 9.66 -14.52 -0.95
C CYS A 333 8.71 -13.44 -1.46
N ALA A 334 7.47 -13.82 -1.77
CA ALA A 334 6.53 -12.82 -2.27
C ALA A 334 5.72 -12.13 -1.18
N SER A 335 5.54 -12.73 0.00
CA SER A 335 4.69 -12.14 1.01
C SER A 335 5.46 -11.16 1.89
N GLY A 336 4.78 -10.06 2.24
CA GLY A 336 5.33 -9.10 3.18
C GLY A 336 5.35 -9.55 4.61
N LEU A 337 4.60 -10.62 4.92
CA LEU A 337 4.61 -11.25 6.22
C LEU A 337 5.81 -12.17 6.40
N GLY A 338 6.49 -12.53 5.33
CA GLY A 338 7.49 -13.56 5.40
C GLY A 338 6.99 -14.86 4.79
N CYS A 339 7.93 -15.75 4.52
CA CYS A 339 7.64 -17.07 3.95
C CYS A 339 8.32 -18.10 4.85
N PRO A 340 7.68 -18.49 5.95
CA PRO A 340 8.29 -19.47 6.86
C PRO A 340 8.17 -20.90 6.33
N GLU A 341 9.11 -21.74 6.77
CA GLU A 341 9.09 -23.15 6.38
C GLU A 341 7.93 -23.90 7.02
N ASP A 342 7.55 -23.56 8.24
CA ASP A 342 6.54 -24.29 8.96
C ASP A 342 5.42 -23.36 9.40
N ILE A 343 4.18 -23.89 9.38
CA ILE A 343 3.00 -23.20 9.91
C ILE A 343 2.62 -23.84 11.25
N PHE A 344 2.42 -23.00 12.27
CA PHE A 344 2.23 -23.47 13.63
C PHE A 344 0.80 -23.25 14.12
N TYR A 345 0.29 -24.21 14.89
CA TYR A 345 -1.06 -24.18 15.44
C TYR A 345 -1.00 -24.50 16.94
N ARG A 346 -1.83 -23.85 17.74
CA ARG A 346 -1.94 -24.16 19.17
C ARG A 346 -3.29 -24.80 19.42
N SER A 347 -3.33 -25.95 20.14
CA SER A 347 -4.59 -26.63 20.39
C SER A 347 -4.83 -26.86 21.87
N THR A 348 -6.11 -26.93 22.24
CA THR A 348 -6.54 -27.24 23.60
C THR A 348 -7.36 -28.52 23.54
N LEU A 349 -6.84 -29.57 24.17
CA LEU A 349 -7.43 -30.89 24.17
C LEU A 349 -8.04 -31.16 25.53
N VAL A 350 -9.29 -31.59 25.55
CA VAL A 350 -9.98 -32.03 26.76
C VAL A 350 -10.20 -33.54 26.62
N VAL A 351 -9.52 -34.33 27.45
CA VAL A 351 -9.57 -35.78 27.34
C VAL A 351 -10.12 -36.36 28.64
N THR A 352 -10.67 -37.58 28.57
CA THR A 352 -11.12 -38.32 29.76
C THR A 352 -10.33 -39.62 29.88
N ASP A 353 -9.56 -39.74 30.95
CA ASP A 353 -8.76 -40.92 31.24
C ASP A 353 -9.51 -41.76 32.24
N GLU A 354 -9.80 -43.00 31.90
CA GLU A 354 -10.42 -43.90 32.87
C GLU A 354 -9.41 -44.79 33.57
N GLN A 355 -8.15 -44.75 33.13
CA GLN A 355 -7.05 -45.50 33.73
C GLN A 355 -5.95 -44.54 34.17
N THR A 356 -6.32 -43.57 35.02
CA THR A 356 -5.38 -42.55 35.48
C THR A 356 -4.17 -43.05 36.28
N PRO A 357 -4.27 -44.02 37.23
CA PRO A 357 -3.06 -44.46 37.93
C PRO A 357 -2.11 -45.35 37.16
N ASP A 358 -2.49 -45.79 35.96
CA ASP A 358 -1.68 -46.78 35.27
C ASP A 358 -0.64 -46.07 34.42
N ARG A 359 -1.10 -45.39 33.37
CA ARG A 359 -0.26 -44.86 32.31
C ARG A 359 0.02 -43.37 32.50
N ASP A 360 0.87 -42.86 31.61
CA ASP A 360 1.04 -41.42 31.39
C ASP A 360 0.38 -41.12 30.06
N ALA A 361 -0.74 -40.37 30.10
CA ALA A 361 -1.56 -40.17 28.93
C ALA A 361 -0.94 -39.22 27.90
N THR A 362 0.10 -38.46 28.28
CA THR A 362 0.72 -37.52 27.36
C THR A 362 1.44 -38.24 26.21
N ALA A 363 2.07 -39.38 26.49
CA ALA A 363 2.71 -40.18 25.44
C ALA A 363 1.68 -40.77 24.50
N ILE A 364 0.56 -41.25 25.05
CA ILE A 364 -0.50 -41.87 24.26
C ILE A 364 -1.20 -40.83 23.39
N ILE A 365 -1.43 -39.63 23.96
CA ILE A 365 -2.12 -38.55 23.23
C ILE A 365 -1.23 -38.02 22.11
N SER A 366 0.05 -37.78 22.38
CA SER A 366 0.95 -37.24 21.37
C SER A 366 1.23 -38.25 20.24
N GLN A 367 1.24 -39.56 20.52
CA GLN A 367 1.43 -40.52 19.44
C GLN A 367 0.14 -40.73 18.62
N TRP A 368 -1.02 -40.64 19.28
CA TRP A 368 -2.32 -40.59 18.59
C TRP A 368 -2.44 -39.34 17.72
N LEU A 369 -1.91 -38.20 18.22
CA LEU A 369 -1.92 -36.97 17.44
C LEU A 369 -1.05 -37.11 16.20
N ASN A 370 0.19 -37.63 16.36
CA ASN A 370 1.09 -37.94 15.25
C ASN A 370 0.48 -38.93 14.26
N GLN A 371 -0.16 -39.99 14.78
CA GLN A 371 -0.77 -41.01 13.93
C GLN A 371 -1.99 -40.52 13.16
N THR A 372 -2.79 -39.60 13.73
CA THR A 372 -4.06 -39.24 13.07
C THR A 372 -3.83 -38.37 11.83
N PHE A 373 -2.89 -37.42 11.92
CA PHE A 373 -2.61 -36.59 10.74
C PHE A 373 -1.91 -37.39 9.63
N GLN A 374 -1.13 -38.41 9.98
CA GLN A 374 -0.52 -39.24 8.94
C GLN A 374 -1.50 -40.27 8.35
N ASN A 375 -2.64 -40.54 9.00
CA ASN A 375 -3.70 -41.30 8.36
C ASN A 375 -4.47 -40.49 7.31
N TRP A 376 -4.30 -39.17 7.25
CA TRP A 376 -4.86 -38.38 6.15
C TRP A 376 -3.79 -37.79 5.24
N MET A 377 -2.55 -38.32 5.33
CA MET A 377 -1.38 -37.91 4.54
C MET A 377 -1.00 -36.44 4.70
N TYR A 378 -1.34 -35.83 5.83
CA TYR A 378 -0.90 -34.49 6.20
C TYR A 378 0.39 -34.57 7.00
N ARG A 379 1.33 -33.66 6.75
CA ARG A 379 2.57 -33.62 7.54
C ARG A 379 2.42 -32.63 8.69
N VAL A 380 1.56 -32.99 9.63
CA VAL A 380 1.38 -32.24 10.87
C VAL A 380 1.86 -33.11 12.04
N TYR A 381 2.71 -32.54 12.89
CA TYR A 381 3.34 -33.28 13.97
C TYR A 381 3.21 -32.47 15.26
N VAL A 382 3.37 -33.12 16.42
CA VAL A 382 3.37 -32.41 17.70
C VAL A 382 4.78 -32.02 18.09
N ASP A 383 4.98 -30.74 18.38
CA ASP A 383 6.27 -30.20 18.76
C ASP A 383 6.34 -29.87 20.24
N GLY A 384 5.25 -30.13 20.98
CA GLY A 384 5.22 -29.85 22.40
C GLY A 384 3.82 -30.02 22.97
N ILE A 385 3.72 -30.60 24.18
CA ILE A 385 2.42 -30.86 24.82
C ILE A 385 2.65 -30.94 26.32
N SER A 386 1.73 -30.35 27.10
CA SER A 386 1.82 -30.39 28.55
C SER A 386 0.43 -30.35 29.18
N LEU A 387 0.31 -30.93 30.38
CA LEU A 387 -0.97 -31.04 31.07
C LEU A 387 -1.27 -29.76 31.84
N GLN A 388 -2.47 -29.22 31.68
CA GLN A 388 -2.81 -27.96 32.33
C GLN A 388 -3.70 -28.11 33.54
N LEU A 389 -4.66 -29.03 33.50
CA LEU A 389 -5.73 -29.11 34.47
C LEU A 389 -6.07 -30.58 34.59
N ILE A 390 -6.21 -31.08 35.82
CA ILE A 390 -6.62 -32.46 36.00
C ILE A 390 -7.63 -32.50 37.14
N THR A 391 -8.83 -32.97 36.84
CA THR A 391 -9.94 -33.04 37.78
C THR A 391 -10.48 -34.46 37.76
N VAL A 392 -10.65 -35.10 38.93
CA VAL A 392 -11.37 -36.38 38.91
C VAL A 392 -12.86 -36.11 38.76
N LEU A 393 -13.61 -37.14 38.36
CA LEU A 393 -15.05 -37.05 38.25
C LEU A 393 -15.68 -37.93 39.32
N SER A 394 -16.59 -38.82 38.92
CA SER A 394 -17.34 -39.59 39.90
C SER A 394 -16.53 -40.77 40.44
N ARG A 395 -16.12 -41.72 39.58
CA ARG A 395 -15.06 -42.66 39.96
C ARG A 395 -13.78 -41.89 40.22
N ILE A 396 -13.07 -42.29 41.27
CA ILE A 396 -11.87 -41.54 41.65
C ILE A 396 -10.73 -41.79 40.67
N THR A 397 -10.77 -42.89 39.95
CA THR A 397 -9.75 -43.25 38.98
C THR A 397 -10.08 -42.75 37.57
N THR A 398 -11.15 -41.93 37.42
CA THR A 398 -11.46 -41.26 36.15
C THR A 398 -11.20 -39.77 36.29
N THR A 399 -10.22 -39.28 35.53
CA THR A 399 -9.93 -37.86 35.43
C THR A 399 -10.32 -37.29 34.07
N ARG A 400 -10.73 -36.03 34.10
CA ARG A 400 -10.76 -35.15 32.94
C ARG A 400 -9.47 -34.34 32.95
N GLN A 401 -8.73 -34.41 31.86
CA GLN A 401 -7.41 -33.80 31.77
C GLN A 401 -7.42 -32.79 30.63
N ILE A 402 -6.84 -31.62 30.84
CA ILE A 402 -6.79 -30.58 29.82
C ILE A 402 -5.33 -30.38 29.44
N TYR A 403 -5.05 -30.51 28.14
CA TYR A 403 -3.70 -30.45 27.57
C TYR A 403 -3.59 -29.26 26.63
N LEU A 404 -2.41 -28.67 26.58
CA LEU A 404 -2.08 -27.63 25.63
C LEU A 404 -1.01 -28.15 24.68
N ALA A 405 -1.26 -28.09 23.36
CA ALA A 405 -0.40 -28.76 22.40
C ALA A 405 -0.06 -27.85 21.22
N LEU A 406 1.20 -27.96 20.76
CA LEU A 406 1.70 -27.25 19.58
C LEU A 406 1.78 -28.23 18.42
N LEU A 407 0.93 -28.03 17.41
CA LEU A 407 1.00 -28.76 16.15
C LEU A 407 1.78 -27.92 15.15
N VAL A 408 2.66 -28.56 14.38
CA VAL A 408 3.49 -27.88 13.38
C VAL A 408 3.26 -28.53 12.02
N TYR A 409 2.95 -27.70 11.02
CA TYR A 409 2.73 -28.13 9.63
C TYR A 409 4.06 -28.02 8.88
N LYS A 410 4.63 -29.15 8.49
CA LYS A 410 5.95 -29.17 7.85
C LYS A 410 5.79 -28.88 6.36
N ASN A 411 6.26 -27.70 5.94
CA ASN A 411 6.57 -27.34 4.54
C ASN A 411 5.32 -27.36 3.64
N THR A 412 4.41 -26.43 3.93
CA THR A 412 3.25 -26.23 3.08
C THR A 412 3.04 -24.73 2.90
N THR A 413 2.82 -24.30 1.66
CA THR A 413 2.42 -22.94 1.35
C THR A 413 1.06 -22.61 1.97
N ALA A 418 -6.04 -25.33 7.18
CA ALA A 418 -7.13 -24.65 7.91
C ALA A 418 -7.41 -25.27 9.29
N GLU A 419 -7.81 -24.43 10.26
CA GLU A 419 -7.95 -24.90 11.63
C GLU A 419 -9.14 -25.81 11.83
N VAL A 420 -10.26 -25.55 11.14
CA VAL A 420 -11.46 -26.34 11.40
C VAL A 420 -11.36 -27.72 10.75
N GLU A 421 -10.40 -27.92 9.83
CA GLU A 421 -10.16 -29.25 9.30
C GLU A 421 -9.29 -30.06 10.24
N ILE A 422 -8.38 -29.39 10.96
CA ILE A 422 -7.59 -30.07 11.99
C ILE A 422 -8.48 -30.50 13.16
N GLU A 423 -9.45 -29.64 13.53
CA GLU A 423 -10.45 -29.99 14.53
C GLU A 423 -11.31 -31.17 14.10
N SER A 424 -11.69 -31.22 12.82
CA SER A 424 -12.56 -32.30 12.39
C SER A 424 -11.82 -33.61 12.11
N MET A 425 -10.51 -33.59 11.79
CA MET A 425 -9.79 -34.86 11.74
C MET A 425 -9.53 -35.41 13.14
N LEU A 426 -9.44 -34.53 14.14
CA LEU A 426 -9.32 -35.01 15.51
C LEU A 426 -10.66 -35.42 16.10
N ARG A 427 -11.74 -34.65 15.84
CA ARG A 427 -13.07 -34.96 16.37
C ARG A 427 -13.64 -36.26 15.82
N SER A 428 -13.22 -36.66 14.60
CA SER A 428 -13.64 -37.91 13.99
C SER A 428 -12.75 -39.10 14.39
N ALA A 429 -11.87 -38.92 15.36
CA ALA A 429 -11.19 -40.05 16.00
C ALA A 429 -11.06 -39.80 17.50
N PRO A 430 -12.15 -39.94 18.27
CA PRO A 430 -12.03 -39.69 19.71
C PRO A 430 -11.42 -40.83 20.50
N ALA A 431 -11.48 -42.08 20.01
CA ALA A 431 -10.88 -43.17 20.76
C ALA A 431 -9.36 -43.11 20.67
N ILE A 432 -8.77 -42.45 21.66
CA ILE A 432 -7.33 -42.18 21.66
C ILE A 432 -6.55 -43.43 22.04
N GLY A 433 -6.86 -44.00 23.20
CA GLY A 433 -6.31 -45.25 23.66
C GLY A 433 -7.46 -45.93 24.37
N ASN A 434 -7.22 -47.04 25.05
CA ASN A 434 -8.28 -47.67 25.80
C ASN A 434 -8.55 -46.82 27.05
N GLY A 435 -9.82 -46.46 27.27
CA GLY A 435 -10.17 -45.62 28.40
C GLY A 435 -9.77 -44.17 28.26
N LEU A 436 -9.33 -43.75 27.08
CA LEU A 436 -8.88 -42.40 26.79
C LEU A 436 -9.76 -41.87 25.65
N THR A 437 -10.36 -40.71 25.84
CA THR A 437 -11.44 -40.27 24.98
C THR A 437 -11.39 -38.77 24.82
N LEU A 438 -11.39 -38.28 23.58
CA LEU A 438 -11.44 -36.84 23.35
C LEU A 438 -12.85 -36.32 23.59
N ASP A 439 -12.99 -35.35 24.51
CA ASP A 439 -14.26 -34.71 24.82
C ASP A 439 -14.51 -33.45 24.02
N SER A 440 -13.42 -32.77 23.67
CA SER A 440 -13.46 -31.43 23.10
C SER A 440 -12.08 -31.17 22.54
N VAL A 441 -12.04 -30.46 21.41
CA VAL A 441 -10.77 -29.91 20.90
C VAL A 441 -11.09 -28.59 20.23
N THR A 442 -10.29 -27.57 20.52
CA THR A 442 -10.24 -26.35 19.72
C THR A 442 -8.81 -26.19 19.22
N VAL A 443 -8.64 -25.79 17.95
CA VAL A 443 -7.34 -25.54 17.33
C VAL A 443 -7.34 -24.11 16.80
N ASN A 444 -6.31 -23.35 17.14
CA ASN A 444 -6.15 -21.98 16.71
C ASN A 444 -4.84 -21.84 15.94
N LEU A 445 -4.93 -21.17 14.80
CA LEU A 445 -3.74 -20.80 14.06
C LEU A 445 -2.96 -19.77 14.86
N MET A 446 -1.65 -19.98 14.95
CA MET A 446 -0.79 -19.17 15.81
C MET A 446 -0.67 -17.76 15.26
N GLU A 447 -0.92 -16.78 16.13
CA GLU A 447 -1.09 -15.40 15.75
C GLU A 447 0.23 -14.81 15.32
N ASN A 448 0.19 -14.02 14.26
CA ASN A 448 1.34 -13.27 13.76
C ASN A 448 1.81 -12.25 14.81
N CYS A 449 3.12 -12.00 14.82
CA CYS A 449 3.61 -10.82 15.54
C CYS A 449 3.12 -9.57 14.82
N GLN A 450 2.50 -8.66 15.57
CA GLN A 450 1.93 -7.46 14.98
C GLN A 450 3.03 -6.52 14.55
N ALA A 451 2.68 -5.62 13.62
CA ALA A 451 3.56 -4.50 13.26
C ALA A 451 3.81 -3.62 14.48
N ASP A 452 5.06 -3.17 14.63
CA ASP A 452 5.55 -2.66 15.90
C ASP A 452 6.82 -1.84 15.70
N GLU A 453 6.87 -0.63 16.25
CA GLU A 453 8.03 0.26 16.12
C GLU A 453 8.86 0.19 17.40
N PHE A 454 10.00 -0.53 17.34
CA PHE A 454 10.93 -0.57 18.46
C PHE A 454 12.35 -0.78 17.94
N PRO A 455 13.30 0.14 18.23
CA PRO A 455 13.09 1.48 18.81
C PRO A 455 12.54 2.46 17.76
N VAL A 456 12.58 3.76 18.04
CA VAL A 456 11.99 4.73 17.13
C VAL A 456 12.79 4.76 15.83
N HIS A 457 12.06 4.90 14.71
CA HIS A 457 12.48 4.76 13.30
C HIS A 457 12.85 3.33 12.91
N TYR A 458 12.47 2.32 13.69
CA TYR A 458 12.67 0.92 13.27
C TYR A 458 11.29 0.28 13.22
N ARG A 459 10.65 0.34 12.07
CA ARG A 459 9.26 -0.06 11.93
C ARG A 459 9.19 -1.47 11.37
N TRP A 460 8.81 -2.39 12.21
CA TRP A 460 8.86 -3.78 11.79
C TRP A 460 7.47 -4.19 11.30
N PRO A 461 7.35 -4.80 10.12
CA PRO A 461 6.02 -5.21 9.63
C PRO A 461 5.53 -6.48 10.31
N GLU A 462 4.25 -6.80 10.04
CA GLU A 462 3.60 -7.99 10.60
C GLU A 462 4.27 -9.24 10.06
N SER A 463 4.44 -10.24 10.92
CA SER A 463 5.24 -11.40 10.50
C SER A 463 4.67 -12.70 11.04
N ARG A 464 4.72 -13.73 10.20
CA ARG A 464 4.45 -15.11 10.59
C ARG A 464 5.54 -15.58 11.57
N PRO A 465 5.24 -16.58 12.42
CA PRO A 465 6.26 -17.10 13.34
C PRO A 465 7.47 -17.72 12.64
N THR A 466 8.65 -17.47 13.24
CA THR A 466 10.04 -17.80 12.83
C THR A 466 10.50 -17.01 11.60
N VAL A 467 9.75 -16.01 11.15
CA VAL A 467 10.20 -15.09 10.10
C VAL A 467 11.08 -14.03 10.74
N THR A 468 12.24 -13.77 10.12
CA THR A 468 13.09 -12.62 10.47
C THR A 468 12.90 -11.54 9.42
N GLN A 469 12.62 -10.31 9.87
CA GLN A 469 12.46 -9.16 8.99
C GLN A 469 13.66 -8.22 9.07
N TYR A 470 13.94 -7.53 7.98
CA TYR A 470 15.07 -6.62 7.89
C TYR A 470 14.54 -5.23 7.58
N VAL A 471 15.04 -4.23 8.30
CA VAL A 471 14.71 -2.82 8.05
C VAL A 471 16.02 -2.05 7.91
N PRO A 472 16.00 -0.85 7.31
CA PRO A 472 17.22 -0.05 7.23
C PRO A 472 17.68 0.51 8.55
N CYS A 473 19.01 0.61 8.68
CA CYS A 473 19.61 1.27 9.83
C CYS A 473 19.32 2.76 9.74
N PHE A 474 18.75 3.33 10.81
CA PHE A 474 18.49 4.76 10.86
C PHE A 474 19.78 5.49 11.22
N PRO A 475 20.18 6.52 10.48
CA PRO A 475 19.58 7.07 9.25
C PRO A 475 20.39 6.89 7.95
N TYR A 476 21.46 6.11 7.96
CA TYR A 476 22.31 6.09 6.78
C TYR A 476 21.96 4.97 5.81
N LYS A 477 21.27 3.93 6.28
CA LYS A 477 20.74 2.79 5.50
C LYS A 477 21.82 1.98 4.78
N ASP A 478 23.09 2.06 5.24
CA ASP A 478 24.17 1.32 4.59
C ASP A 478 24.03 -0.17 4.87
N ARG A 479 23.64 -0.52 6.10
CA ARG A 479 23.42 -1.90 6.52
C ARG A 479 22.01 -2.02 7.14
N ASN A 480 21.66 -3.24 7.54
CA ASN A 480 20.33 -3.58 8.05
C ASN A 480 20.34 -3.85 9.55
N ALA A 481 19.16 -3.74 10.14
CA ALA A 481 18.84 -4.32 11.44
C ALA A 481 17.88 -5.47 11.20
N SER A 482 17.72 -6.34 12.20
CA SER A 482 16.84 -7.50 12.06
C SER A 482 16.11 -7.80 13.36
N ARG A 483 14.92 -8.38 13.23
CA ARG A 483 14.07 -8.79 14.36
C ARG A 483 13.31 -10.06 13.97
N THR A 484 13.20 -11.00 14.90
CA THR A 484 12.58 -12.30 14.64
C THR A 484 11.31 -12.44 15.46
N CYS A 485 10.23 -12.86 14.80
CA CYS A 485 8.99 -13.28 15.42
C CYS A 485 9.15 -14.72 15.91
N MET A 486 9.32 -14.89 17.24
CA MET A 486 9.63 -16.19 17.86
C MET A 486 8.39 -16.85 18.45
N ILE A 487 8.51 -18.17 18.70
CA ILE A 487 7.47 -18.94 19.39
C ILE A 487 7.88 -19.19 20.84
N ASN A 488 7.08 -18.67 21.77
CA ASN A 488 7.21 -19.02 23.18
C ASN A 488 6.78 -20.47 23.36
N ARG A 489 7.72 -21.36 23.67
CA ARG A 489 7.39 -22.78 23.78
C ARG A 489 6.91 -23.17 25.18
N ASP A 490 6.26 -22.25 25.90
CA ASP A 490 5.59 -22.57 27.15
C ASP A 490 4.08 -22.46 27.03
N ASN A 491 3.51 -21.32 26.62
CA ASN A 491 2.08 -21.31 26.34
C ASN A 491 1.72 -21.19 24.86
N TYR A 492 2.70 -21.41 23.96
CA TYR A 492 2.51 -21.60 22.50
C TYR A 492 1.85 -20.37 21.85
N THR A 493 2.30 -19.20 22.28
CA THR A 493 1.96 -17.91 21.70
C THR A 493 3.24 -17.32 21.10
N SER A 494 3.07 -16.34 20.22
CA SER A 494 4.22 -15.73 19.57
C SER A 494 4.56 -14.37 20.19
N PHE A 495 5.82 -13.98 20.03
CA PHE A 495 6.30 -12.73 20.60
C PHE A 495 7.46 -12.22 19.75
N TRP A 496 7.62 -10.90 19.71
CA TRP A 496 8.80 -10.33 19.08
C TRP A 496 10.01 -10.51 19.98
N ALA A 497 11.06 -11.11 19.45
CA ALA A 497 12.37 -11.03 20.09
C ALA A 497 12.94 -9.61 20.00
N LEU A 498 14.09 -9.42 20.64
CA LEU A 498 14.78 -8.15 20.62
C LEU A 498 15.38 -7.88 19.24
N PRO A 499 15.37 -6.64 18.78
CA PRO A 499 16.02 -6.32 17.50
C PRO A 499 17.53 -6.38 17.61
N ASP A 500 18.16 -6.88 16.55
CA ASP A 500 19.62 -6.89 16.39
C ASP A 500 20.02 -5.65 15.61
N ARG A 501 20.46 -4.62 16.32
CA ARG A 501 20.92 -3.40 15.68
C ARG A 501 22.45 -3.28 15.68
N GLY A 502 23.15 -4.41 15.72
CA GLY A 502 24.59 -4.42 15.89
C GLY A 502 25.39 -3.87 14.72
N ASN A 503 24.83 -3.90 13.51
CA ASN A 503 25.48 -3.33 12.33
C ASN A 503 25.06 -1.87 12.08
N CYS A 504 24.34 -1.26 13.00
CA CYS A 504 23.75 0.06 12.77
C CYS A 504 24.55 1.15 13.48
N THR A 505 24.50 2.35 12.89
CA THR A 505 25.17 3.53 13.41
C THR A 505 24.14 4.59 13.79
N ASN A 506 24.48 5.42 14.78
CA ASN A 506 23.75 6.61 15.18
C ASN A 506 23.81 7.66 14.08
N ILE A 507 23.05 8.76 14.26
CA ILE A 507 23.36 10.02 13.57
C ILE A 507 24.76 10.50 13.92
N THR A 508 25.12 10.45 15.20
CA THR A 508 26.38 11.02 15.66
C THR A 508 27.56 10.10 15.45
N SER A 509 27.34 8.79 15.35
CA SER A 509 28.47 7.88 15.50
C SER A 509 29.23 7.63 14.22
N ILE A 510 28.74 8.12 13.09
CA ILE A 510 29.49 8.00 11.85
C ILE A 510 30.66 8.98 11.88
N THR A 511 31.74 8.62 11.19
CA THR A 511 32.94 9.42 11.16
C THR A 511 33.13 9.91 9.73
N VAL A 512 33.12 11.22 9.55
CA VAL A 512 33.04 11.78 8.21
C VAL A 512 34.43 11.78 7.59
N SER A 513 34.48 11.57 6.29
CA SER A 513 35.70 11.63 5.50
C SER A 513 35.40 12.55 4.34
N GLN A 514 36.42 12.81 3.52
CA GLN A 514 36.16 13.41 2.22
C GLN A 514 35.35 12.48 1.31
N GLU A 515 35.51 11.17 1.46
CA GLU A 515 34.85 10.24 0.55
C GLU A 515 33.40 9.94 0.93
N ASN A 516 33.06 10.01 2.20
CA ASN A 516 31.67 9.76 2.60
C ASN A 516 30.90 11.04 2.92
N ALA A 517 31.49 12.25 2.74
CA ALA A 517 30.83 13.51 3.11
C ALA A 517 29.59 13.79 2.28
N MET A 518 29.65 13.49 0.98
CA MET A 518 28.49 13.66 0.11
C MET A 518 27.37 12.69 0.49
N ASP A 519 27.70 11.49 0.95
CA ASP A 519 26.70 10.50 1.31
C ASP A 519 26.02 10.85 2.64
N VAL A 520 26.82 11.28 3.63
CA VAL A 520 26.32 11.69 4.95
C VAL A 520 25.39 12.90 4.82
N ALA A 521 25.81 13.91 4.04
CA ALA A 521 25.05 15.15 3.91
C ALA A 521 23.72 14.93 3.21
N VAL A 522 23.69 14.02 2.22
CA VAL A 522 22.46 13.69 1.50
C VAL A 522 21.46 13.00 2.43
N GLN A 523 21.94 12.07 3.28
CA GLN A 523 21.04 11.36 4.19
C GLN A 523 20.47 12.27 5.27
N LEU A 524 21.33 13.12 5.87
CA LEU A 524 20.87 14.08 6.86
C LEU A 524 19.91 15.12 6.28
N ALA A 525 20.10 15.49 5.00
CA ALA A 525 19.17 16.39 4.32
C ALA A 525 17.79 15.76 4.09
N ASP A 526 17.73 14.43 3.99
CA ASP A 526 16.44 13.76 3.91
C ASP A 526 15.65 13.84 5.21
N ILE A 527 16.28 13.52 6.36
CA ILE A 527 15.60 13.43 7.66
C ILE A 527 15.05 14.77 8.12
N SER A 528 15.71 15.86 7.73
CA SER A 528 15.43 17.19 8.22
C SER A 528 14.17 17.81 7.61
N ASN A 529 13.61 17.25 6.55
CA ASN A 529 12.30 17.68 6.10
C ASN A 529 11.19 17.20 7.04
N ASN A 530 11.42 16.09 7.75
CA ASN A 530 10.46 15.45 8.63
C ASN A 530 10.38 16.19 9.96
N GLY A 531 9.33 15.87 10.71
CA GLY A 531 9.17 16.38 12.05
C GLY A 531 10.21 15.75 12.94
N LEU A 532 11.27 16.48 13.24
CA LEU A 532 12.36 15.96 14.06
C LEU A 532 12.19 16.40 15.51
N SER A 533 12.74 15.59 16.40
CA SER A 533 12.86 16.03 17.79
C SER A 533 13.94 17.09 17.89
N LYS A 534 13.90 17.83 19.01
CA LYS A 534 14.94 18.81 19.27
C LYS A 534 16.28 18.13 19.54
N GLU A 535 16.28 16.90 20.06
CA GLU A 535 17.53 16.21 20.30
C GLU A 535 18.11 15.61 19.04
N GLU A 536 17.28 15.22 18.06
CA GLU A 536 17.82 14.77 16.77
C GLU A 536 18.40 15.93 15.99
N LEU A 537 17.78 17.11 16.12
CA LEU A 537 18.19 18.28 15.36
C LEU A 537 19.57 18.80 15.77
N THR A 538 19.88 18.81 17.07
CA THR A 538 21.24 19.21 17.46
C THR A 538 22.27 18.14 17.12
N GLN A 539 21.86 16.88 16.95
CA GLN A 539 22.81 15.88 16.47
C GLN A 539 23.04 15.98 14.98
N VAL A 540 22.06 16.43 14.22
CA VAL A 540 22.30 16.63 12.80
C VAL A 540 23.20 17.85 12.59
N VAL A 541 23.03 18.88 13.42
CA VAL A 541 23.79 20.11 13.21
C VAL A 541 25.22 19.96 13.76
N THR A 542 25.44 19.05 14.71
CA THR A 542 26.82 18.75 15.12
C THR A 542 27.56 17.98 14.03
N LYS A 543 26.92 16.96 13.43
CA LYS A 543 27.51 16.20 12.32
C LYS A 543 27.76 17.06 11.07
N VAL A 544 26.88 18.03 10.78
CA VAL A 544 27.09 18.99 9.69
C VAL A 544 28.32 19.85 9.97
N MET A 545 28.55 20.20 11.24
CA MET A 545 29.75 20.95 11.60
C MET A 545 31.02 20.11 11.44
N GLU A 546 30.96 18.82 11.77
CA GLU A 546 32.11 17.93 11.54
C GLU A 546 32.37 17.76 10.05
N LEU A 547 31.29 17.66 9.29
CA LEU A 547 31.36 17.50 7.84
C LEU A 547 31.97 18.73 7.19
N VAL A 548 31.54 19.93 7.60
CA VAL A 548 32.02 21.14 6.94
C VAL A 548 33.49 21.38 7.31
N ASN A 549 33.90 20.92 8.49
CA ASN A 549 35.28 21.10 8.93
C ASN A 549 36.26 20.18 8.20
N ILE A 550 35.93 18.89 8.07
CA ILE A 550 36.94 18.01 7.50
C ILE A 550 36.92 17.98 5.97
N ALA A 551 35.83 18.39 5.32
CA ALA A 551 35.71 18.15 3.89
C ALA A 551 36.09 19.40 3.10
N LYS A 552 36.52 19.16 1.86
CA LYS A 552 36.69 20.24 0.90
C LYS A 552 35.36 20.44 0.19
N ILE A 553 34.97 21.70 -0.01
CA ILE A 553 33.60 22.06 -0.35
C ILE A 553 33.54 22.60 -1.77
N ASN A 554 32.83 21.90 -2.65
CA ASN A 554 32.39 22.48 -3.92
C ASN A 554 30.88 22.72 -3.83
N ALA A 555 30.29 23.10 -4.98
CA ALA A 555 28.91 23.56 -5.06
C ALA A 555 27.89 22.51 -4.65
N THR A 556 28.03 21.27 -5.15
CA THR A 556 27.00 20.26 -4.90
C THR A 556 27.02 19.79 -3.45
N LEU A 557 28.20 19.75 -2.83
CA LEU A 557 28.28 19.48 -1.39
C LEU A 557 27.69 20.63 -0.57
N ALA A 558 27.92 21.88 -1.00
CA ALA A 558 27.36 22.99 -0.25
C ALA A 558 25.86 23.15 -0.46
N SER A 559 25.34 22.66 -1.60
CA SER A 559 23.91 22.77 -1.81
C SER A 559 23.16 21.80 -0.91
N THR A 560 23.77 20.67 -0.57
CA THR A 560 23.13 19.77 0.38
C THR A 560 23.22 20.33 1.80
N VAL A 561 24.34 20.96 2.14
CA VAL A 561 24.54 21.46 3.49
C VAL A 561 23.65 22.67 3.76
N VAL A 562 23.37 23.48 2.72
CA VAL A 562 22.53 24.67 2.90
C VAL A 562 21.07 24.26 3.09
N THR A 563 20.71 23.06 2.61
CA THR A 563 19.33 22.69 2.82
C THR A 563 19.12 21.84 4.06
N ILE A 564 20.20 21.28 4.65
CA ILE A 564 20.09 20.84 6.04
C ILE A 564 19.73 22.02 6.92
N ILE A 565 20.46 23.13 6.75
CA ILE A 565 20.27 24.32 7.59
C ILE A 565 18.97 25.06 7.28
N SER A 566 18.54 25.05 6.01
CA SER A 566 17.24 25.61 5.65
C SER A 566 16.08 24.82 6.24
N ASN A 567 16.21 23.49 6.31
CA ASN A 567 15.18 22.67 6.93
C ASN A 567 15.16 22.82 8.44
N VAL A 568 16.32 23.06 9.07
CA VAL A 568 16.25 23.32 10.51
C VAL A 568 15.73 24.73 10.79
N MET A 569 15.71 25.61 9.80
CA MET A 569 15.10 26.92 10.01
C MET A 569 13.58 26.88 10.06
N VAL A 570 12.94 25.81 9.57
CA VAL A 570 11.48 25.77 9.64
C VAL A 570 11.06 24.87 10.80
N SER A 571 12.02 24.50 11.64
CA SER A 571 11.69 23.75 12.85
C SER A 571 11.13 24.70 13.89
N SER A 572 10.71 24.15 15.03
CA SER A 572 10.22 24.97 16.13
C SER A 572 11.35 25.80 16.73
N GLU A 573 10.97 26.88 17.41
CA GLU A 573 11.96 27.79 17.98
C GLU A 573 12.74 27.16 19.13
N ASP A 574 12.15 26.21 19.84
CA ASP A 574 12.89 25.52 20.89
C ASP A 574 13.81 24.44 20.34
N ALA A 575 13.52 23.91 19.15
CA ALA A 575 14.40 22.93 18.54
C ALA A 575 15.69 23.58 18.02
N GLN A 576 15.56 24.77 17.42
CA GLN A 576 16.72 25.44 16.85
C GLN A 576 17.64 26.00 17.91
N LYS A 577 17.11 26.36 19.10
CA LYS A 577 17.81 27.21 20.07
C LYS A 577 19.09 26.57 20.61
N ASP A 578 19.08 25.26 20.83
CA ASP A 578 20.29 24.58 21.24
C ASP A 578 21.28 24.34 20.11
N ALA A 579 20.81 24.24 18.86
CA ALA A 579 21.69 23.94 17.73
C ALA A 579 22.07 25.17 16.90
N SER A 580 21.56 26.36 17.22
CA SER A 580 21.64 27.48 16.28
C SER A 580 23.04 28.04 16.15
N GLU A 581 23.83 28.03 17.24
CA GLU A 581 25.16 28.60 17.15
C GLU A 581 26.11 27.70 16.36
N THR A 582 25.94 26.38 16.46
CA THR A 582 26.70 25.47 15.61
C THR A 582 26.27 25.61 14.14
N ALA A 583 24.95 25.73 13.91
CA ALA A 583 24.40 25.90 12.57
C ALA A 583 24.89 27.18 11.93
N LEU A 584 24.89 28.27 12.70
CA LEU A 584 25.38 29.55 12.19
C LEU A 584 26.86 29.50 11.90
N LYS A 585 27.64 28.86 12.79
CA LYS A 585 29.07 28.80 12.61
C LYS A 585 29.45 27.83 11.48
N ALA A 586 28.64 26.78 11.25
CA ALA A 586 28.92 25.85 10.15
C ALA A 586 28.60 26.43 8.77
N VAL A 587 27.53 27.22 8.66
CA VAL A 587 27.24 27.95 7.43
C VAL A 587 28.32 28.98 7.14
N ASP A 588 28.87 29.62 8.20
CA ASP A 588 29.87 30.66 8.04
C ASP A 588 31.18 30.09 7.50
N GLU A 589 31.56 28.92 7.96
CA GLU A 589 32.81 28.31 7.51
C GLU A 589 32.66 27.61 6.16
N LEU A 590 31.44 27.15 5.84
CA LEU A 590 31.14 26.61 4.52
C LEU A 590 31.38 27.64 3.44
N VAL A 591 31.00 28.90 3.71
CA VAL A 591 31.17 29.99 2.78
C VAL A 591 32.64 30.39 2.65
N GLN A 592 33.42 30.25 3.71
CA GLN A 592 34.85 30.52 3.62
C GLN A 592 35.58 29.48 2.77
N LYS A 593 35.11 28.23 2.79
CA LYS A 593 35.85 27.12 2.24
C LYS A 593 35.39 26.71 0.86
N ILE A 594 34.34 27.33 0.34
CA ILE A 594 33.72 26.82 -0.89
C ILE A 594 34.62 27.14 -2.07
N GLU A 595 34.87 26.14 -2.92
CA GLU A 595 35.62 26.30 -4.15
C GLU A 595 34.61 26.50 -5.29
N PHE A 596 34.82 27.54 -6.09
CA PHE A 596 33.95 27.79 -7.24
C PHE A 596 34.77 28.31 -8.40
N ASP A 597 34.18 28.29 -9.61
CA ASP A 597 34.94 28.53 -10.84
C ASP A 597 34.62 29.82 -11.55
N GLY A 598 33.36 30.23 -11.61
CA GLY A 598 33.03 31.45 -12.31
C GLY A 598 33.35 32.73 -11.56
N PRO A 599 32.77 33.83 -12.01
CA PRO A 599 32.92 35.08 -11.25
C PRO A 599 32.09 35.13 -9.98
N SER A 600 31.03 34.31 -9.87
CA SER A 600 30.24 34.20 -8.64
C SER A 600 29.52 32.86 -8.60
N LEU A 601 29.13 32.46 -7.40
CA LEU A 601 28.37 31.23 -7.18
C LEU A 601 27.30 31.48 -6.13
N THR A 602 26.06 31.09 -6.42
CA THR A 602 24.95 31.27 -5.50
C THR A 602 24.35 29.92 -5.15
N ILE A 603 24.09 29.67 -3.88
CA ILE A 603 23.47 28.43 -3.42
C ILE A 603 22.16 28.78 -2.72
N SER A 604 21.04 28.36 -3.30
CA SER A 604 19.74 28.75 -2.81
C SER A 604 19.03 27.60 -2.12
N SER A 605 18.06 27.98 -1.28
CA SER A 605 17.15 27.05 -0.64
C SER A 605 15.88 27.84 -0.32
N LYS A 606 14.95 27.21 0.40
CA LYS A 606 13.68 27.86 0.70
C LYS A 606 13.85 29.03 1.68
N ASN A 607 14.62 28.85 2.77
CA ASN A 607 14.80 29.92 3.75
C ASN A 607 16.22 30.48 3.83
N LEU A 608 17.12 30.13 2.91
CA LEU A 608 18.53 30.48 3.02
C LEU A 608 19.16 30.51 1.64
N VAL A 609 19.73 31.65 1.28
CA VAL A 609 20.55 31.75 0.07
C VAL A 609 21.91 32.30 0.47
N VAL A 610 22.99 31.63 0.03
CA VAL A 610 24.34 32.10 0.31
C VAL A 610 25.04 32.27 -1.02
N GLY A 611 25.94 33.24 -1.08
CA GLY A 611 26.61 33.56 -2.32
C GLY A 611 28.02 33.99 -2.07
N VAL A 612 28.90 33.66 -3.01
CA VAL A 612 30.27 34.15 -3.01
C VAL A 612 30.47 34.79 -4.37
N SER A 613 31.31 35.82 -4.40
CA SER A 613 31.76 36.44 -5.65
C SER A 613 33.18 36.93 -5.44
N ALA A 614 33.94 36.98 -6.54
CA ALA A 614 35.35 37.30 -6.47
C ALA A 614 35.57 38.80 -6.35
N LEU A 615 36.55 39.20 -5.52
CA LEU A 615 36.88 40.60 -5.28
C LEU A 615 38.31 40.84 -5.76
N ASP A 616 38.47 41.81 -6.66
CA ASP A 616 39.77 42.31 -7.06
C ASP A 616 40.19 43.46 -6.14
N THR A 617 41.24 43.25 -5.36
CA THR A 617 41.68 44.29 -4.42
C THR A 617 42.38 45.46 -5.10
N THR A 618 42.79 45.33 -6.36
CA THR A 618 43.46 46.45 -7.04
C THR A 618 42.44 47.45 -7.56
N ASN A 619 41.53 46.99 -8.42
CA ASN A 619 40.37 47.78 -8.80
C ASN A 619 39.22 47.33 -7.90
N PHE A 620 39.18 47.88 -6.71
CA PHE A 620 37.96 47.86 -5.90
C PHE A 620 37.52 49.31 -5.75
N ASN A 621 36.40 49.65 -6.38
CA ASN A 621 35.82 50.99 -6.27
C ASN A 621 34.51 50.97 -5.48
N GLY A 622 34.21 49.89 -4.78
CA GLY A 622 32.95 49.75 -4.09
C GLY A 622 32.10 48.66 -4.71
N SER A 623 31.01 48.33 -4.00
CA SER A 623 30.16 47.21 -4.40
C SER A 623 28.78 47.37 -3.77
N THR A 624 27.75 46.96 -4.51
CA THR A 624 26.39 46.90 -3.99
C THR A 624 25.84 45.50 -4.27
N LEU A 625 25.32 44.84 -3.23
CA LEU A 625 24.81 43.48 -3.33
C LEU A 625 23.41 43.45 -2.74
N SER A 626 22.61 42.49 -3.20
CA SER A 626 21.16 42.59 -3.03
C SER A 626 20.52 41.20 -3.00
N ALA A 627 19.56 41.03 -2.10
CA ALA A 627 18.77 39.80 -2.01
C ALA A 627 17.33 40.07 -2.40
N PHE A 628 16.74 39.17 -3.18
CA PHE A 628 15.42 39.38 -3.74
C PHE A 628 14.81 38.03 -4.11
N ILE A 629 13.48 38.01 -4.28
CA ILE A 629 12.73 36.86 -4.79
C ILE A 629 12.03 37.26 -6.08
N ALA A 630 12.26 36.48 -7.13
CA ALA A 630 11.82 36.89 -8.47
C ALA A 630 10.36 36.52 -8.74
N THR A 631 9.98 36.56 -10.01
CA THR A 631 8.59 36.43 -10.44
C THR A 631 8.15 34.96 -10.42
N ASN A 632 7.22 34.62 -9.51
CA ASN A 632 6.71 33.26 -9.26
C ASN A 632 7.83 32.27 -8.93
N THR A 633 8.90 32.76 -8.28
CA THR A 633 9.92 31.95 -7.66
C THR A 633 9.61 31.94 -6.18
N THR A 634 9.83 30.81 -5.52
CA THR A 634 9.59 30.75 -4.09
C THR A 634 10.86 30.94 -3.26
N ASP A 635 12.06 30.89 -3.89
CA ASP A 635 13.34 30.94 -3.21
C ASP A 635 14.03 32.27 -3.46
N PRO A 636 14.72 32.82 -2.46
CA PRO A 636 15.40 34.11 -2.67
C PRO A 636 16.71 33.94 -3.42
N GLN A 637 17.04 34.97 -4.20
CA GLN A 637 18.21 35.02 -5.06
C GLN A 637 19.13 36.16 -4.64
N ILE A 638 20.31 36.23 -5.25
CA ILE A 638 21.30 37.25 -4.91
C ILE A 638 21.65 38.03 -6.17
N ASP A 639 21.43 39.35 -6.14
CA ASP A 639 21.97 40.28 -7.11
C ASP A 639 23.33 40.77 -6.60
N PHE A 640 24.38 40.55 -7.38
CA PHE A 640 25.73 40.91 -6.94
C PHE A 640 26.17 42.29 -7.39
N ASP A 641 25.48 42.91 -8.34
CA ASP A 641 25.94 44.15 -8.94
C ASP A 641 25.09 45.35 -8.58
N SER A 642 23.78 45.21 -8.61
CA SER A 642 22.85 46.31 -8.43
C SER A 642 22.03 46.08 -7.17
N GLU A 643 21.21 47.06 -6.82
CA GLU A 643 20.10 46.86 -5.89
C GLU A 643 18.90 46.40 -6.72
N ALA A 644 18.49 45.15 -6.54
CA ALA A 644 17.38 44.58 -7.29
C ALA A 644 16.05 45.20 -6.85
N HIS A 645 15.05 45.08 -7.71
CA HIS A 645 13.77 45.72 -7.46
C HIS A 645 12.97 44.95 -6.41
N ASN A 646 12.38 45.71 -5.48
CA ASN A 646 11.72 45.24 -4.26
C ASN A 646 12.63 44.30 -3.46
N ALA A 647 13.83 44.81 -3.17
CA ALA A 647 14.82 44.01 -2.46
C ALA A 647 14.44 43.83 -1.00
N LEU A 648 14.79 42.67 -0.45
CA LEU A 648 14.58 42.38 0.96
C LEU A 648 15.80 42.71 1.81
N ALA A 649 17.00 42.66 1.21
CA ALA A 649 18.22 43.09 1.89
C ALA A 649 19.18 43.67 0.86
N VAL A 650 19.70 44.86 1.15
CA VAL A 650 20.72 45.50 0.32
C VAL A 650 21.94 45.77 1.20
N VAL A 651 23.12 45.40 0.71
CA VAL A 651 24.38 45.67 1.39
C VAL A 651 25.27 46.44 0.43
N THR A 652 25.64 47.66 0.81
CA THR A 652 26.50 48.51 0.01
C THR A 652 27.84 48.68 0.72
N LEU A 653 28.90 48.25 0.07
CA LEU A 653 30.24 48.40 0.63
C LEU A 653 30.87 49.67 0.09
N PRO A 654 31.39 50.55 0.96
CA PRO A 654 31.99 51.83 0.52
C PRO A 654 33.27 51.62 -0.27
N PRO A 655 33.71 52.60 -1.06
CA PRO A 655 34.96 52.40 -1.82
C PRO A 655 36.21 52.40 -0.96
N THR A 656 36.15 52.98 0.24
CA THR A 656 37.23 53.02 1.22
C THR A 656 37.20 51.84 2.19
N LEU A 657 36.71 50.67 1.77
CA LEU A 657 36.55 49.54 2.70
C LEU A 657 37.89 48.93 3.07
N LEU A 658 38.82 48.85 2.10
CA LEU A 658 40.11 48.25 2.33
C LEU A 658 41.20 49.29 2.59
N GLN A 659 40.83 50.51 2.94
CA GLN A 659 41.76 51.64 2.99
C GLN A 659 42.70 51.55 4.20
N ASN A 660 42.17 51.21 5.37
CA ASN A 660 42.97 51.11 6.58
C ASN A 660 43.45 49.69 6.86
N LEU A 661 43.60 48.87 5.82
CA LEU A 661 44.04 47.49 5.98
C LEU A 661 45.53 47.40 5.70
N SER A 662 46.23 46.56 6.47
CA SER A 662 47.63 46.27 6.19
C SER A 662 47.74 45.44 4.92
N LEU A 663 48.95 45.42 4.33
CA LEU A 663 49.20 44.61 3.14
C LEU A 663 49.14 43.12 3.42
N SER A 664 49.45 42.72 4.66
CA SER A 664 49.23 41.33 5.06
C SER A 664 47.75 40.99 5.08
N GLN A 665 46.89 41.91 5.53
CA GLN A 665 45.47 41.63 5.54
C GLN A 665 44.86 41.74 4.14
N ILE A 666 45.37 42.66 3.32
CA ILE A 666 44.74 42.92 2.02
C ILE A 666 45.04 41.83 1.00
N GLU A 667 46.04 40.99 1.24
CA GLU A 667 46.27 39.85 0.37
C GLU A 667 45.48 38.63 0.80
N LYS A 668 44.90 38.65 1.98
CA LYS A 668 43.96 37.60 2.37
C LYS A 668 42.52 37.92 1.95
N VAL A 669 42.33 38.93 1.10
CA VAL A 669 41.00 39.35 0.66
C VAL A 669 40.84 38.91 -0.80
N SER A 670 40.03 37.88 -1.00
CA SER A 670 39.78 37.30 -2.31
C SER A 670 38.34 37.47 -2.76
N ARG A 671 37.39 37.52 -1.82
CA ARG A 671 36.00 37.25 -2.12
C ARG A 671 35.12 38.25 -1.42
N ILE A 672 33.88 38.35 -1.88
CA ILE A 672 32.78 38.92 -1.11
C ILE A 672 31.82 37.78 -0.81
N ASN A 673 31.37 37.70 0.43
CA ASN A 673 30.41 36.70 0.88
C ASN A 673 29.07 37.38 1.16
N PHE A 674 27.99 36.66 0.90
CA PHE A 674 26.68 37.25 1.16
C PHE A 674 25.75 36.12 1.56
N MET A 675 25.02 36.30 2.66
CA MET A 675 23.99 35.36 3.10
C MET A 675 22.70 36.12 3.41
N PHE A 676 21.57 35.56 3.00
CA PHE A 676 20.26 36.10 3.35
C PHE A 676 19.50 35.03 4.11
N PHE A 677 19.07 35.35 5.33
CA PHE A 677 18.30 34.42 6.15
C PHE A 677 16.83 34.81 6.07
N GLY A 678 16.03 33.99 5.39
CA GLY A 678 14.61 34.27 5.30
C GLY A 678 13.86 34.06 6.61
N ARG A 679 14.39 33.21 7.49
CA ARG A 679 13.76 32.90 8.76
C ARG A 679 14.69 33.29 9.90
N THR A 680 14.11 33.62 11.05
CA THR A 680 14.87 34.27 12.11
C THR A 680 15.10 33.39 13.33
N GLY A 681 14.79 32.10 13.27
CA GLY A 681 14.82 31.28 14.46
C GLY A 681 16.21 30.87 14.92
N LEU A 682 17.25 31.15 14.14
CA LEU A 682 18.61 30.87 14.56
C LEU A 682 19.25 32.04 15.32
N PHE A 683 18.53 33.15 15.50
CA PHE A 683 19.09 34.36 16.07
C PHE A 683 18.34 34.79 17.32
N GLN A 684 17.97 33.83 18.15
CA GLN A 684 17.21 34.11 19.36
C GLN A 684 18.09 34.75 20.44
N ASP A 685 17.52 35.74 21.12
CA ASP A 685 18.21 36.53 22.14
C ASP A 685 17.23 36.75 23.28
N HIS A 686 17.52 36.16 24.44
CA HIS A 686 16.69 36.36 25.62
C HIS A 686 17.23 37.46 26.54
N GLN A 687 18.24 38.22 26.09
CA GLN A 687 18.73 39.39 26.81
C GLN A 687 18.50 40.65 25.98
N ASN A 688 17.29 40.79 25.43
CA ASN A 688 17.02 41.86 24.48
C ASN A 688 16.18 42.98 25.06
N ASN A 689 15.87 42.93 26.36
CA ASN A 689 14.91 43.80 27.05
C ASN A 689 13.56 43.86 26.36
N GLY A 690 13.08 42.71 25.89
CA GLY A 690 11.79 42.67 25.24
C GLY A 690 11.75 43.20 23.83
N LEU A 691 12.89 43.53 23.22
CA LEU A 691 12.90 43.94 21.83
C LEU A 691 12.78 42.70 20.97
N THR A 692 11.83 42.70 20.03
CA THR A 692 11.68 41.57 19.11
C THR A 692 12.40 41.90 17.82
N LEU A 693 12.99 40.87 17.19
CA LEU A 693 13.69 41.06 15.92
C LEU A 693 12.66 41.06 14.80
N ASN A 694 12.40 42.23 14.23
CA ASN A 694 11.44 42.36 13.15
C ASN A 694 12.19 42.68 11.85
N SER A 695 12.94 41.69 11.37
CA SER A 695 13.78 41.87 10.20
C SER A 695 14.16 40.51 9.63
N TYR A 696 14.60 40.52 8.38
CA TYR A 696 15.43 39.43 7.92
C TYR A 696 16.83 39.64 8.45
N VAL A 697 17.65 38.59 8.42
CA VAL A 697 19.05 38.73 8.79
C VAL A 697 19.89 38.58 7.55
N VAL A 698 20.70 39.60 7.27
CA VAL A 698 21.62 39.55 6.14
C VAL A 698 23.04 39.58 6.69
N ALA A 699 23.92 38.75 6.11
CA ALA A 699 25.32 38.76 6.48
C ALA A 699 26.21 39.07 5.28
N SER A 700 27.38 39.62 5.57
CA SER A 700 28.40 39.85 4.56
C SER A 700 29.78 39.87 5.21
N SER A 701 30.79 39.51 4.42
CA SER A 701 32.19 39.57 4.86
C SER A 701 33.06 39.51 3.61
N VAL A 702 34.35 39.74 3.80
CA VAL A 702 35.31 39.64 2.71
C VAL A 702 36.39 38.62 2.98
N GLY A 703 36.25 37.82 4.04
CA GLY A 703 37.20 36.76 4.27
C GLY A 703 37.03 36.22 5.67
N ASN A 704 38.08 35.54 6.13
CA ASN A 704 38.11 34.93 7.46
C ASN A 704 38.33 35.94 8.61
N PHE A 705 38.20 37.24 8.37
CA PHE A 705 38.50 38.27 9.36
C PHE A 705 37.51 39.42 9.18
N THR A 706 37.28 40.16 10.27
CA THR A 706 36.34 41.28 10.28
C THR A 706 37.10 42.59 10.09
N ILE A 707 36.65 43.40 9.13
CA ILE A 707 37.22 44.73 8.93
C ILE A 707 36.53 45.67 9.89
N LYS A 708 37.30 46.35 10.75
CA LYS A 708 36.74 47.12 11.85
C LYS A 708 37.08 48.59 11.69
N ASN A 709 36.27 49.43 12.38
CA ASN A 709 36.51 50.87 12.56
C ASN A 709 36.70 51.62 11.24
N LEU A 710 35.73 51.42 10.33
CA LEU A 710 35.80 52.05 9.02
C LEU A 710 35.56 53.56 9.13
N GLN A 711 36.12 54.31 8.18
CA GLN A 711 35.88 55.75 8.17
C GLN A 711 34.59 56.11 7.44
N ASP A 712 34.21 55.32 6.42
CA ASP A 712 32.92 55.40 5.75
C ASP A 712 32.16 54.11 5.96
N PRO A 713 30.91 54.17 6.39
CA PRO A 713 30.23 52.96 6.86
C PRO A 713 29.75 52.07 5.71
N VAL A 714 29.41 50.83 6.10
CA VAL A 714 28.66 49.91 5.24
C VAL A 714 27.18 50.29 5.32
N ARG A 715 26.55 50.49 4.18
CA ARG A 715 25.11 50.73 4.16
C ARG A 715 24.41 49.37 4.11
N ILE A 716 23.78 48.98 5.22
CA ILE A 716 23.00 47.76 5.30
C ILE A 716 21.53 48.15 5.37
N GLU A 717 20.77 47.78 4.35
CA GLU A 717 19.33 48.05 4.32
C GLU A 717 18.62 46.71 4.37
N ILE A 718 17.78 46.51 5.38
CA ILE A 718 16.98 45.28 5.48
C ILE A 718 15.51 45.64 5.53
N ALA A 719 14.70 44.89 4.78
CA ALA A 719 13.26 45.02 4.82
C ALA A 719 12.70 44.45 6.12
N HIS A 720 11.68 45.09 6.65
CA HIS A 720 11.02 44.62 7.87
C HIS A 720 10.19 43.37 7.59
N LEU A 721 9.91 42.63 8.65
CA LEU A 721 8.96 41.53 8.51
C LEU A 721 7.53 42.06 8.52
N GLU A 722 7.21 42.96 9.44
CA GLU A 722 5.88 43.55 9.54
C GLU A 722 5.97 45.07 9.43
N TYR A 723 4.83 45.68 9.05
CA TYR A 723 4.69 47.13 9.03
C TYR A 723 4.76 47.68 10.45
N GLN A 724 5.31 48.90 10.57
CA GLN A 724 5.35 49.58 11.86
C GLN A 724 5.40 51.08 11.60
N LYS A 725 4.24 51.74 11.73
CA LYS A 725 4.15 53.18 11.50
C LYS A 725 4.85 53.94 12.62
N ASP A 726 5.81 54.82 12.22
CA ASP A 726 6.76 55.53 13.06
C ASP A 726 7.51 54.61 14.01
N PRO A 727 8.38 53.72 13.53
CA PRO A 727 9.05 52.76 14.42
C PRO A 727 10.25 53.39 15.12
N ASN A 728 10.78 52.67 16.10
CA ASN A 728 12.05 53.06 16.73
C ASN A 728 13.05 51.92 16.55
N PRO A 729 13.71 51.84 15.40
CA PRO A 729 14.58 50.71 15.12
C PRO A 729 15.94 50.85 15.77
N GLN A 730 16.50 49.70 16.15
CA GLN A 730 17.88 49.60 16.62
C GLN A 730 18.64 48.68 15.67
N CYS A 731 19.61 49.22 14.97
CA CYS A 731 20.47 48.42 14.09
C CYS A 731 21.40 47.58 14.95
N VAL A 732 21.41 46.27 14.73
CA VAL A 732 22.24 45.38 15.52
C VAL A 732 23.05 44.47 14.61
N PHE A 733 24.16 43.93 15.16
CA PHE A 733 24.89 42.84 14.54
C PHE A 733 25.03 41.65 15.50
N TRP A 734 25.17 40.46 14.95
CA TRP A 734 25.23 39.24 15.75
C TRP A 734 26.64 39.04 16.29
N ASP A 735 26.81 39.21 17.61
CA ASP A 735 28.10 39.10 18.28
C ASP A 735 28.19 37.71 18.89
N PHE A 736 29.10 36.88 18.35
CA PHE A 736 29.29 35.52 18.84
C PHE A 736 29.97 35.42 20.20
N ASN A 737 30.54 36.52 20.71
CA ASN A 737 31.24 36.52 21.98
C ASN A 737 30.33 36.77 23.16
N LEU A 738 29.12 37.30 22.93
CA LEU A 738 28.22 37.63 24.01
C LEU A 738 27.65 36.37 24.64
N GLN A 739 27.24 36.51 25.91
CA GLN A 739 26.53 35.49 26.71
C GLN A 739 27.33 34.19 26.82
N ASN A 740 28.55 34.33 27.34
CA ASN A 740 29.55 33.27 27.54
C ASN A 740 29.84 32.52 26.24
N TYR A 741 30.09 33.31 25.19
CA TYR A 741 30.49 32.85 23.86
C TYR A 741 29.43 31.96 23.22
N SER A 742 28.16 32.30 23.46
CA SER A 742 27.03 31.67 22.79
C SER A 742 26.38 32.55 21.73
N GLY A 743 26.40 33.87 21.89
CA GLY A 743 25.87 34.74 20.87
C GLY A 743 24.69 35.61 21.28
N GLY A 744 24.67 36.83 20.77
CA GLY A 744 23.59 37.77 21.03
C GLY A 744 23.73 38.95 20.11
N TRP A 745 22.65 39.76 20.04
CA TRP A 745 22.70 40.97 19.24
C TRP A 745 23.53 42.02 19.94
N ASN A 746 24.16 42.88 19.15
CA ASN A 746 25.01 43.90 19.70
C ASN A 746 24.79 45.15 18.88
N SER A 747 24.71 46.25 19.59
CA SER A 747 24.37 47.54 19.01
C SER A 747 25.61 48.30 18.53
N ASP A 748 26.80 47.91 19.03
CA ASP A 748 28.01 48.72 18.97
C ASP A 748 28.53 48.85 17.55
N GLY A 749 28.61 50.07 17.08
CA GLY A 749 29.09 50.38 15.77
C GLY A 749 28.01 50.66 14.75
N CYS A 750 26.75 50.43 15.09
CA CYS A 750 25.66 50.50 14.13
C CYS A 750 24.65 51.57 14.54
N LYS A 751 24.43 52.55 13.66
CA LYS A 751 23.41 53.58 13.81
C LYS A 751 22.45 53.56 12.61
N VAL A 752 21.29 54.21 12.79
CA VAL A 752 20.22 54.24 11.80
C VAL A 752 20.41 55.40 10.83
N GLY A 753 20.48 55.10 9.53
CA GLY A 753 20.53 56.12 8.52
C GLY A 753 19.18 56.79 8.26
N SER A 754 19.22 57.88 7.52
CA SER A 754 18.05 58.77 7.43
C SER A 754 16.98 58.27 6.45
N ASP A 755 17.24 57.19 5.71
CA ASP A 755 16.33 56.73 4.69
C ASP A 755 15.29 55.73 5.19
N SER A 756 15.21 55.52 6.50
CA SER A 756 14.40 54.43 7.02
C SER A 756 12.94 54.86 7.12
N ASN A 757 12.05 54.00 6.65
CA ASN A 757 10.62 54.26 6.77
C ASN A 757 9.95 53.14 7.56
N SER A 758 8.66 52.90 7.31
CA SER A 758 7.94 51.86 8.03
C SER A 758 8.15 50.47 7.42
N ASN A 759 8.66 50.41 6.18
CA ASN A 759 8.89 49.16 5.46
C ASN A 759 10.33 48.65 5.56
N ARG A 760 11.31 49.56 5.58
CA ARG A 760 12.73 49.21 5.57
C ARG A 760 13.42 49.94 6.72
N THR A 761 14.60 49.44 7.08
CA THR A 761 15.51 50.19 7.93
C THR A 761 16.87 50.19 7.24
N VAL A 762 17.52 51.36 7.20
CA VAL A 762 18.87 51.50 6.68
C VAL A 762 19.82 51.66 7.87
N CYS A 763 20.87 50.83 7.90
CA CYS A 763 21.92 50.90 8.90
C CYS A 763 23.23 51.34 8.27
N LEU A 764 23.93 52.21 8.98
CA LEU A 764 25.32 52.53 8.72
C LEU A 764 26.11 51.89 9.84
N CYS A 765 26.82 50.81 9.53
CA CYS A 765 27.71 50.14 10.48
C CYS A 765 29.16 50.39 10.07
N ASN A 766 30.04 50.55 11.05
CA ASN A 766 31.44 50.90 10.79
C ASN A 766 32.34 49.68 10.72
N HIS A 767 31.76 48.48 10.71
CA HIS A 767 32.54 47.26 10.58
C HIS A 767 31.81 46.26 9.68
N LEU A 768 32.56 45.34 9.09
CA LEU A 768 31.95 44.34 8.21
C LEU A 768 32.48 42.90 8.40
N THR B 1 29.68 39.15 9.06
CA THR B 1 28.90 39.78 10.15
C THR B 1 27.42 39.73 9.85
N HIS B 2 26.61 39.14 10.75
CA HIS B 2 25.17 39.07 10.50
C HIS B 2 24.49 40.29 11.08
N PHE B 3 23.64 40.96 10.31
CA PHE B 3 22.96 42.20 10.71
C PHE B 3 21.47 42.01 10.82
N GLY B 4 20.87 42.59 11.86
CA GLY B 4 19.42 42.56 12.03
C GLY B 4 18.89 43.90 12.46
N ILE B 5 17.55 44.00 12.54
CA ILE B 5 16.89 45.20 13.06
C ILE B 5 16.03 44.82 14.26
N LEU B 6 16.34 45.39 15.40
CA LEU B 6 15.56 45.18 16.61
C LEU B 6 14.56 46.33 16.78
N MET B 7 13.32 45.99 17.15
CA MET B 7 12.25 46.97 17.28
C MET B 7 11.32 46.61 18.45
CA CA C . 11.58 5.81 1.60
C1 NAG D . 42.43 55.42 7.91
C2 NAG D . 42.52 56.14 9.28
C3 NAG D . 42.25 57.64 9.13
C4 NAG D . 43.12 58.27 8.03
C5 NAG D . 42.93 57.52 6.72
C6 NAG D . 43.81 58.06 5.60
C7 NAG D . 41.94 54.54 11.06
C8 NAG D . 40.87 54.07 12.01
N2 NAG D . 41.61 55.55 10.24
O3 NAG D . 42.51 58.32 10.36
O4 NAG D . 42.81 59.64 7.86
O5 NAG D . 43.26 56.13 6.91
O6 NAG D . 44.92 57.22 5.29
O7 NAG D . 43.05 54.02 11.04
C1 NAG E . -7.38 -2.49 7.43
C2 NAG E . -7.12 -3.37 8.69
C3 NAG E . -8.26 -4.37 8.89
C4 NAG E . -9.61 -3.67 8.97
C5 NAG E . -9.84 -2.82 7.72
C6 NAG E . -11.07 -1.96 7.83
C7 NAG E . -4.68 -3.49 8.98
C8 NAG E . -3.48 -4.39 8.93
N2 NAG E . -5.84 -4.05 8.63
O3 NAG E . -8.04 -5.15 10.06
O4 NAG E . -10.64 -4.63 9.12
O5 NAG E . -8.74 -1.90 7.52
O6 NAG E . -10.79 -0.72 8.46
O7 NAG E . -4.60 -2.31 9.32
C1 NAG F . 25.29 5.84 19.89
C2 NAG F . 26.63 5.05 20.19
C3 NAG F . 26.80 4.80 21.71
C4 NAG F . 26.61 6.06 22.53
C5 NAG F . 25.21 6.60 22.26
C6 NAG F . 24.87 7.85 23.06
C7 NAG F . 27.75 3.12 19.10
C8 NAG F . 27.53 1.82 18.37
N2 NAG F . 26.64 3.79 19.46
O3 NAG F . 28.08 4.24 21.99
O4 NAG F . 26.78 5.80 23.93
O5 NAG F . 25.13 6.95 20.87
O6 NAG F . 25.15 7.69 24.44
O7 NAG F . 28.87 3.54 19.35
C1 NAG G . 33.64 17.91 -5.54
C2 NAG G . 33.55 17.21 -6.92
C3 NAG G . 34.02 15.75 -6.82
C4 NAG G . 35.37 15.61 -6.14
C5 NAG G . 35.32 16.27 -4.77
C6 NAG G . 36.66 16.25 -4.05
C7 NAG G . 31.78 18.19 -8.31
C8 NAG G . 30.35 18.07 -8.75
N2 NAG G . 32.19 17.26 -7.43
O3 NAG G . 34.11 15.19 -8.14
O4 NAG G . 35.72 14.24 -6.00
O5 NAG G . 34.95 17.66 -4.92
O6 NAG G . 36.83 17.36 -3.18
O7 NAG G . 32.52 19.07 -8.73
C1 NAG H . -8.87 -11.03 -13.09
C2 NAG H . -9.47 -10.88 -14.51
C3 NAG H . -8.63 -11.66 -15.54
C4 NAG H . -7.17 -11.21 -15.48
C5 NAG H . -6.62 -11.43 -14.07
C6 NAG H . -5.21 -10.93 -13.92
C7 NAG H . -11.81 -10.77 -15.34
C8 NAG H . -13.18 -11.35 -15.20
N2 NAG H . -10.86 -11.30 -14.55
O3 NAG H . -9.14 -11.50 -16.85
O4 NAG H . -6.39 -11.94 -16.42
O5 NAG H . -7.42 -10.71 -13.11
O6 NAG H . -4.50 -11.60 -12.89
O7 NAG H . -11.56 -9.87 -16.14
C1 NAG I . 1.52 -16.52 28.01
C2 NAG I . 2.97 -16.11 28.40
C3 NAG I . 3.00 -14.63 28.84
C4 NAG I . 2.33 -13.72 27.80
C5 NAG I . 0.93 -14.22 27.46
C6 NAG I . 0.23 -13.41 26.39
C7 NAG I . 4.71 -17.40 29.59
C8 NAG I . 4.97 -18.33 30.74
N2 NAG I . 3.45 -16.98 29.46
O3 NAG I . 4.35 -14.22 29.04
O4 NAG I . 2.29 -12.38 28.28
O5 NAG I . 0.99 -15.58 27.01
O6 NAG I . -0.09 -14.20 25.25
O7 NAG I . 5.61 -17.04 28.83
C1 NAG J . 5.96 -37.29 16.39
C2 NAG J . 6.93 -38.18 17.23
C3 NAG J . 8.32 -37.51 17.34
C4 NAG J . 8.87 -37.15 15.96
C5 NAG J . 7.87 -36.24 15.23
C6 NAG J . 8.32 -35.86 13.83
C7 NAG J . 6.28 -39.70 19.05
C8 NAG J . 5.69 -39.80 20.43
N2 NAG J . 6.38 -38.46 18.55
O3 NAG J . 9.23 -38.37 18.03
O4 NAG J . 10.13 -36.50 16.07
O5 NAG J . 6.60 -36.90 15.11
O6 NAG J . 9.47 -36.58 13.42
O7 NAG J . 6.64 -40.70 18.43
C1 NAG K . 25.89 -7.83 10.15
C2 NAG K . 24.71 -8.72 9.72
C3 NAG K . 25.14 -10.19 9.60
C4 NAG K . 26.36 -10.32 8.68
C5 NAG K . 27.49 -9.42 9.17
C6 NAG K . 28.73 -9.44 8.28
C7 NAG K . 22.39 -8.11 10.24
C8 NAG K . 21.35 -7.98 11.32
N2 NAG K . 23.60 -8.56 10.65
O3 NAG K . 24.07 -10.97 9.07
O4 NAG K . 26.79 -11.69 8.59
O5 NAG K . 27.04 -8.05 9.25
O6 NAG K . 28.66 -8.52 7.21
O7 NAG K . 22.16 -7.83 9.07
C1 NAG L . 39.57 30.72 9.58
C2 NAG L . 39.79 29.36 8.93
C3 NAG L . 39.33 28.25 9.89
C4 NAG L . 40.06 28.35 11.22
C5 NAG L . 39.90 29.76 11.83
C6 NAG L . 40.75 29.97 13.06
C7 NAG L . 39.64 28.72 6.56
C8 NAG L . 38.79 28.75 5.33
N2 NAG L . 39.09 29.26 7.65
O3 NAG L . 39.57 26.97 9.29
O4 NAG L . 39.54 27.39 12.14
O5 NAG L . 40.28 30.78 10.87
O6 NAG L . 41.08 31.34 13.25
O7 NAG L . 40.76 28.23 6.57
C1 NAG M . 5.28 49.07 2.09
C2 NAG M . 4.26 48.10 2.71
C3 NAG M . 2.92 48.20 1.96
C4 NAG M . 2.44 49.64 1.85
C5 NAG M . 3.53 50.57 1.31
C6 NAG M . 3.15 52.04 1.36
C7 NAG M . 5.06 46.05 3.83
C8 NAG M . 5.51 44.63 3.62
N2 NAG M . 4.74 46.72 2.72
O3 NAG M . 1.96 47.40 2.61
O4 NAG M . 1.31 49.71 0.96
O5 NAG M . 4.74 50.43 2.08
O6 NAG M . 4.29 52.87 1.21
O7 NAG M . 4.99 46.56 4.95
C1 NAG N . 20.03 -6.36 3.91
C2 NAG N . 21.35 -7.05 3.53
C3 NAG N . 21.31 -7.55 2.08
C4 NAG N . 20.05 -8.36 1.77
C5 NAG N . 18.78 -7.65 2.22
C6 NAG N . 17.55 -8.53 2.13
C7 NAG N . 23.18 -6.12 4.90
C8 NAG N . 24.33 -5.16 4.93
N2 NAG N . 22.49 -6.18 3.75
O3 NAG N . 22.46 -8.35 1.82
O4 NAG N . 19.96 -8.62 0.36
O5 NAG N . 18.89 -7.24 3.60
O6 NAG N . 16.40 -7.97 2.75
O7 NAG N . 22.87 -6.81 5.88
#